data_8DN6
#
_entry.id   8DN6
#
_cell.length_a   276.089
_cell.length_b   51.481
_cell.length_c   172.082
_cell.angle_alpha   90.000
_cell.angle_beta   123.060
_cell.angle_gamma   90.000
#
_symmetry.space_group_name_H-M   'C 1 2 1'
#
loop_
_entity.id
_entity.type
_entity.pdbx_description
1 polymer 'Protein TOC75-3, chloroplastic'
2 polymer fabtc2_HC
3 polymer fabtc2_LC
#
loop_
_entity_poly.entity_id
_entity_poly.type
_entity_poly.pdbx_seq_one_letter_code
_entity_poly.pdbx_strand_id
1 'polypeptide(L)'
;GAMGDEEQSPDWDSHGLPANIVVQLNKLSGFKKYKVSDIMFFDRRRQTTIGTEDSFFEMVSIRPGGVYTKAQLQKELETL
ATCGMFEKVDLEGKTKPDGTLGVTISFAESTWQSADRFRCINVGLMVQSKPIEMDSDMTDKEKLEYYRSLEKDYKRRIDR
ARPCLLPAPVYGEVMQMLRDQGKVSARLLQRIRDRVQKWYHDEGYACAQVVNFGNLNTKEVVCEVVEGDITQLVIQFQDK
LGNVVEGNTQVPVVRRELPKQLRQGYVFNIEAGKKALSNINSLGLFSNIEVNPRPDEKNEGGIIVEIKLKELE
;
A,B
2 'polypeptide(L)'
;EISEVQLVESGGGLVQPGGSLRLSCAASGFNFYYYSIHWVRQAPGKGLEWVASISPYSGYTYYADSVKGRFTISADTSKN
TAYLQMNSLRAEDTAVYYCARSYGWATYGLDYWGQGTLVTVSSASTKGPSVFPLAPSSKSTSGGTAALGCLVKDYFPEPV
TVSWNSGALTSGVHTFPAVLQSSGLYSLSSVVTVPSSSLGTQTYICNVNHKPSNTKVDKKVEPKSCDKTHTSRHHHHHH
;
C,E
3 'polypeptide(L)'
;SDIQMTQSPSSLSASVGDRVTITCRASQSVSSAVAWYQQKPGKAPKLLIYSASSLYSGVPSRFSGSRSGTDFTLTISSLQ
PEDFATYYCQQHFWELITFGQGTKVEIKRTVAAPSVFIFPPSDSQLKSGTASVVCLLNNFYPREAKVQWKVDNALQSGNS
QESVTEQDSKDSTYSLSSTLTLSKADYEKHKVYACEVTHQGLSSPVTKSFNRGEC
;
D,F
#
# COMPACT_ATOMS: atom_id res chain seq x y z
N ASP A 116 3.02 44.27 -29.98
CA ASP A 116 3.80 43.40 -29.10
C ASP A 116 5.14 44.04 -28.74
N ARG A 117 5.10 45.19 -28.06
CA ARG A 117 6.32 45.96 -27.82
C ARG A 117 6.08 46.88 -26.62
N PHE A 118 6.95 47.88 -26.46
CA PHE A 118 6.85 48.91 -25.43
C PHE A 118 6.98 50.27 -26.10
N ARG A 119 5.93 51.09 -26.00
CA ARG A 119 5.85 52.30 -26.83
C ARG A 119 6.58 53.50 -26.24
N CYS A 120 6.50 53.72 -24.92
CA CYS A 120 7.10 54.90 -24.32
C CYS A 120 7.80 54.57 -23.02
N ILE A 121 8.85 55.34 -22.73
CA ILE A 121 9.41 55.48 -21.39
C ILE A 121 9.14 56.91 -20.93
N ASN A 122 8.25 57.06 -19.95
CA ASN A 122 8.13 58.32 -19.23
C ASN A 122 9.15 58.30 -18.10
N VAL A 123 9.72 59.46 -17.79
CA VAL A 123 10.61 59.60 -16.63
C VAL A 123 10.13 60.77 -15.80
N GLY A 124 9.53 60.48 -14.64
CA GLY A 124 9.01 61.50 -13.74
C GLY A 124 9.84 61.66 -12.48
N LEU A 125 9.85 62.88 -11.95
CA LEU A 125 10.46 63.18 -10.67
C LEU A 125 9.35 63.30 -9.62
N MET A 126 9.52 62.64 -8.48
CA MET A 126 8.44 62.47 -7.51
C MET A 126 8.89 62.89 -6.12
N VAL A 127 8.12 63.80 -5.50
CA VAL A 127 8.24 64.04 -4.05
C VAL A 127 6.88 63.92 -3.38
N GLN A 128 6.01 64.92 -3.64
CA GLN A 128 4.58 65.02 -3.31
C GLN A 128 4.04 64.23 -2.12
N SER A 129 2.72 63.95 -2.15
CA SER A 129 2.02 63.20 -1.12
C SER A 129 0.88 62.39 -1.76
N LYS A 130 0.44 61.33 -1.07
CA LYS A 130 -0.59 60.42 -1.58
C LYS A 130 -1.62 60.02 -0.52
N PRO A 131 -2.88 59.70 -0.95
CA PRO A 131 -3.92 59.23 -0.01
C PRO A 131 -4.45 57.82 -0.37
N ILE A 132 -5.76 57.73 -0.73
CA ILE A 132 -6.40 56.67 -1.55
C ILE A 132 -7.42 55.76 -0.84
N GLU A 133 -7.35 55.58 0.49
CA GLU A 133 -8.30 54.77 1.28
C GLU A 133 -8.62 53.36 0.75
N MET A 134 -9.69 52.71 1.24
CA MET A 134 -10.05 51.34 0.86
C MET A 134 -11.48 51.01 1.33
N ASP A 135 -11.99 49.85 0.88
CA ASP A 135 -13.34 49.39 1.21
C ASP A 135 -13.46 47.87 1.21
N SER A 136 -14.59 47.38 1.75
CA SER A 136 -15.02 46.00 1.85
C SER A 136 -16.01 45.69 0.71
N ASP A 137 -16.71 44.55 0.79
CA ASP A 137 -17.67 44.05 -0.23
C ASP A 137 -17.00 43.99 -1.61
N MET A 138 -16.16 42.96 -1.73
CA MET A 138 -15.18 42.82 -2.81
C MET A 138 -15.74 42.21 -4.08
N THR A 139 -17.00 42.46 -4.44
CA THR A 139 -17.50 41.80 -5.64
C THR A 139 -16.54 42.15 -6.76
N ASP A 140 -15.85 41.13 -7.30
CA ASP A 140 -14.83 41.35 -8.31
C ASP A 140 -15.39 42.17 -9.45
N LYS A 141 -16.61 41.82 -9.89
CA LYS A 141 -17.40 42.61 -10.81
C LYS A 141 -17.24 44.08 -10.52
N GLU A 142 -17.43 44.44 -9.24
CA GLU A 142 -17.21 45.79 -8.73
C GLU A 142 -15.73 46.12 -8.57
N LYS A 143 -14.98 45.32 -7.77
CA LYS A 143 -13.62 45.66 -7.35
C LYS A 143 -12.69 46.00 -8.51
N LEU A 144 -13.06 45.59 -9.71
CA LEU A 144 -12.50 46.29 -10.85
C LEU A 144 -12.61 47.81 -10.65
N GLU A 145 -13.66 48.32 -9.97
CA GLU A 145 -13.70 49.74 -9.64
C GLU A 145 -12.42 50.25 -9.01
N TYR A 146 -12.02 49.62 -7.90
CA TYR A 146 -10.87 50.11 -7.17
C TYR A 146 -9.59 49.91 -7.96
N TYR A 147 -9.42 48.73 -8.55
CA TYR A 147 -8.21 48.45 -9.30
C TYR A 147 -8.07 49.28 -10.56
N ARG A 148 -9.15 49.92 -11.02
CA ARG A 148 -9.12 50.87 -12.13
C ARG A 148 -9.00 52.33 -11.67
N SER A 149 -9.63 52.66 -10.54
CA SER A 149 -9.42 53.96 -9.92
C SER A 149 -7.95 54.18 -9.59
N LEU A 150 -7.25 53.10 -9.21
CA LEU A 150 -5.81 53.24 -8.97
C LEU A 150 -5.06 53.54 -10.26
N GLU A 151 -5.44 52.90 -11.37
CA GLU A 151 -4.82 53.20 -12.66
C GLU A 151 -5.08 54.65 -13.07
N LYS A 152 -6.32 55.11 -12.92
CA LYS A 152 -6.66 56.49 -13.24
C LYS A 152 -5.88 57.46 -12.38
N ASP A 153 -5.79 57.19 -11.07
CA ASP A 153 -5.00 58.03 -10.18
C ASP A 153 -3.53 58.04 -10.57
N TYR A 154 -3.01 56.90 -11.05
CA TYR A 154 -1.61 56.87 -11.48
C TYR A 154 -1.40 57.71 -12.73
N LYS A 155 -2.34 57.67 -13.68
CA LYS A 155 -2.25 58.57 -14.83
C LYS A 155 -2.33 60.04 -14.40
N ARG A 156 -3.28 60.35 -13.50
CA ARG A 156 -3.38 61.70 -12.95
C ARG A 156 -2.07 62.15 -12.32
N ARG A 157 -1.44 61.26 -11.56
CA ARG A 157 -0.15 61.55 -10.94
C ARG A 157 0.93 61.77 -11.99
N ILE A 158 0.93 60.95 -13.05
CA ILE A 158 1.95 61.06 -14.08
C ILE A 158 1.82 62.38 -14.83
N ASP A 159 0.61 62.93 -14.94
CA ASP A 159 0.50 64.25 -15.55
C ASP A 159 0.78 65.37 -14.56
N ARG A 160 0.38 65.21 -13.30
CA ARG A 160 0.71 66.21 -12.29
C ARG A 160 2.20 66.32 -12.06
N ALA A 161 2.94 65.24 -12.35
CA ALA A 161 4.33 65.16 -11.95
C ALA A 161 5.19 66.08 -12.80
N ARG A 162 6.39 66.35 -12.30
CA ARG A 162 7.38 67.17 -12.98
C ARG A 162 8.22 66.29 -13.91
N PRO A 163 8.49 66.71 -15.14
CA PRO A 163 9.43 65.97 -15.98
C PRO A 163 10.85 66.13 -15.47
N CYS A 164 11.70 65.22 -15.90
CA CYS A 164 13.04 65.10 -15.35
C CYS A 164 14.06 65.84 -16.22
N LEU A 165 15.32 65.74 -15.82
CA LEU A 165 16.44 66.39 -16.49
C LEU A 165 17.04 65.55 -17.62
N LEU A 166 16.47 64.38 -17.89
CA LEU A 166 16.99 63.52 -18.94
C LEU A 166 16.88 64.20 -20.31
N PRO A 167 17.97 64.31 -21.06
CA PRO A 167 17.91 64.92 -22.38
C PRO A 167 17.41 63.93 -23.43
N ALA A 168 17.07 64.48 -24.59
CA ALA A 168 16.55 63.65 -25.68
C ALA A 168 17.51 62.55 -26.15
N PRO A 169 18.82 62.77 -26.31
CA PRO A 169 19.67 61.66 -26.79
C PRO A 169 19.63 60.43 -25.92
N VAL A 170 19.55 60.60 -24.60
CA VAL A 170 19.57 59.45 -23.72
C VAL A 170 18.20 58.79 -23.65
N TYR A 171 17.12 59.58 -23.77
CA TYR A 171 15.80 58.99 -24.03
C TYR A 171 15.87 58.09 -25.25
N GLY A 172 16.47 58.60 -26.33
CA GLY A 172 16.56 57.82 -27.56
C GLY A 172 17.38 56.55 -27.38
N GLU A 173 18.51 56.64 -26.69
CA GLU A 173 19.33 55.45 -26.48
C GLU A 173 18.58 54.41 -25.64
N VAL A 174 17.91 54.85 -24.57
CA VAL A 174 17.14 53.92 -23.76
C VAL A 174 16.05 53.26 -24.60
N MET A 175 15.41 54.04 -25.47
CA MET A 175 14.35 53.48 -26.29
C MET A 175 14.91 52.53 -27.34
N GLN A 176 16.14 52.75 -27.81
CA GLN A 176 16.75 51.79 -28.71
C GLN A 176 17.10 50.49 -27.99
N MET A 177 17.58 50.59 -26.75
CA MET A 177 17.77 49.39 -25.95
C MET A 177 16.45 48.63 -25.81
N LEU A 178 15.36 49.37 -25.60
CA LEU A 178 14.04 48.77 -25.46
C LEU A 178 13.56 48.11 -26.76
N ARG A 179 13.89 48.69 -27.91
CA ARG A 179 13.47 48.11 -29.19
C ARG A 179 14.33 46.94 -29.64
N ASP A 180 15.66 46.98 -29.41
CA ASP A 180 16.47 45.85 -29.86
C ASP A 180 16.15 44.57 -29.11
N GLN A 181 15.39 44.66 -28.02
CA GLN A 181 14.89 43.49 -27.29
C GLN A 181 13.37 43.65 -27.29
N GLY A 182 12.69 42.87 -28.13
CA GLY A 182 11.24 42.97 -28.23
C GLY A 182 10.54 42.89 -26.89
N LYS A 183 10.90 41.90 -26.09
CA LYS A 183 10.29 41.68 -24.78
C LYS A 183 11.01 42.47 -23.69
N VAL A 184 10.22 43.04 -22.79
CA VAL A 184 10.73 43.86 -21.70
C VAL A 184 11.05 42.95 -20.51
N SER A 185 12.34 42.80 -20.22
CA SER A 185 12.83 41.97 -19.13
C SER A 185 13.40 42.86 -18.02
N ALA A 186 13.39 42.32 -16.80
CA ALA A 186 13.86 43.10 -15.65
C ALA A 186 15.35 43.40 -15.76
N ARG A 187 16.12 42.52 -16.41
CA ARG A 187 17.53 42.78 -16.64
C ARG A 187 17.73 43.97 -17.56
N LEU A 188 16.87 44.11 -18.58
CA LEU A 188 16.92 45.27 -19.44
C LEU A 188 16.59 46.54 -18.66
N LEU A 189 15.59 46.47 -17.77
CA LEU A 189 15.29 47.61 -16.91
C LEU A 189 16.48 47.97 -16.03
N GLN A 190 17.20 46.97 -15.54
CA GLN A 190 18.42 47.23 -14.76
C GLN A 190 19.44 47.98 -15.61
N ARG A 191 19.63 47.54 -16.85
CA ARG A 191 20.59 48.23 -17.73
C ARG A 191 20.15 49.67 -18.02
N ILE A 192 18.85 49.87 -18.21
CA ILE A 192 18.32 51.21 -18.40
C ILE A 192 18.59 52.07 -17.17
N ARG A 193 18.36 51.52 -15.98
CA ARG A 193 18.68 52.25 -14.76
C ARG A 193 20.16 52.62 -14.70
N ASP A 194 21.03 51.68 -15.07
CA ASP A 194 22.46 51.96 -15.09
C ASP A 194 22.76 53.14 -16.02
N ARG A 195 22.18 53.13 -17.21
CA ARG A 195 22.42 54.22 -18.16
C ARG A 195 21.91 55.55 -17.63
N VAL A 196 20.68 55.57 -17.10
CA VAL A 196 20.07 56.82 -16.65
C VAL A 196 20.86 57.41 -15.48
N GLN A 197 21.24 56.56 -14.53
CA GLN A 197 22.04 57.08 -13.42
C GLN A 197 23.44 57.47 -13.90
N LYS A 198 23.97 56.80 -14.92
CA LYS A 198 25.23 57.23 -15.51
C LYS A 198 25.12 58.65 -16.04
N TRP A 199 24.06 58.95 -16.77
CA TRP A 199 23.88 60.32 -17.25
C TRP A 199 23.78 61.29 -16.09
N TYR A 200 22.89 61.01 -15.12
CA TYR A 200 22.70 61.94 -14.02
C TYR A 200 24.01 62.22 -13.29
N HIS A 201 24.79 61.17 -12.99
CA HIS A 201 26.03 61.37 -12.27
C HIS A 201 27.09 62.05 -13.15
N ASP A 202 27.07 61.79 -14.46
CA ASP A 202 28.05 62.42 -15.35
C ASP A 202 27.89 63.93 -15.39
N GLU A 203 26.66 64.42 -15.24
CA GLU A 203 26.39 65.84 -15.17
C GLU A 203 26.56 66.39 -13.75
N GLY A 204 27.11 65.60 -12.84
CA GLY A 204 27.31 66.07 -11.48
C GLY A 204 26.06 66.14 -10.65
N TYR A 205 25.04 65.35 -10.99
CA TYR A 205 23.85 65.21 -10.14
C TYR A 205 24.04 64.00 -9.22
N ALA A 206 24.89 64.21 -8.21
CA ALA A 206 25.40 63.10 -7.41
C ALA A 206 24.29 62.38 -6.65
N CYS A 207 23.24 63.10 -6.26
CA CYS A 207 22.21 62.54 -5.41
C CYS A 207 21.08 61.86 -6.19
N ALA A 208 21.10 61.94 -7.52
CA ALA A 208 20.01 61.38 -8.31
C ALA A 208 19.96 59.86 -8.20
N GLN A 209 18.75 59.32 -8.26
CA GLN A 209 18.57 57.88 -8.17
C GLN A 209 17.19 57.49 -8.67
N VAL A 210 17.11 56.32 -9.33
CA VAL A 210 15.85 55.70 -9.71
C VAL A 210 15.26 54.97 -8.52
N VAL A 211 13.94 55.06 -8.36
CA VAL A 211 13.28 54.43 -7.21
C VAL A 211 12.13 53.52 -7.61
N ASN A 212 11.58 53.64 -8.81
CA ASN A 212 10.43 52.80 -9.16
C ASN A 212 10.33 52.68 -10.67
N PHE A 213 9.75 51.55 -11.10
CA PHE A 213 9.46 51.27 -12.51
C PHE A 213 7.98 50.86 -12.55
N GLY A 214 7.12 51.85 -12.68
CA GLY A 214 5.69 51.63 -12.80
C GLY A 214 5.25 51.37 -14.22
N ASN A 215 3.96 51.08 -14.36
CA ASN A 215 3.37 50.80 -15.65
C ASN A 215 1.98 51.41 -15.75
N LEU A 216 1.66 51.95 -16.92
CA LEU A 216 0.28 52.28 -17.23
C LEU A 216 -0.39 51.18 -18.03
N ASN A 217 0.39 50.50 -18.88
CA ASN A 217 0.07 49.20 -19.44
C ASN A 217 1.39 48.56 -19.84
N THR A 218 1.32 47.27 -20.21
CA THR A 218 2.54 46.52 -20.51
C THR A 218 3.38 47.16 -21.62
N LYS A 219 2.86 48.21 -22.27
CA LYS A 219 3.57 48.87 -23.36
C LYS A 219 4.20 50.20 -22.96
N GLU A 220 3.78 50.80 -21.85
CA GLU A 220 4.32 52.09 -21.41
C GLU A 220 5.02 51.92 -20.07
N VAL A 221 6.33 52.18 -20.04
CA VAL A 221 7.12 52.04 -18.82
C VAL A 221 7.31 53.42 -18.22
N VAL A 222 7.17 53.50 -16.90
CA VAL A 222 7.28 54.76 -16.15
C VAL A 222 8.44 54.63 -15.18
N CYS A 223 9.48 55.43 -15.39
CA CYS A 223 10.65 55.41 -14.55
C CYS A 223 10.58 56.63 -13.62
N GLU A 224 10.64 56.38 -12.31
CA GLU A 224 10.54 57.44 -11.32
C GLU A 224 11.92 57.67 -10.71
N VAL A 225 12.35 58.93 -10.70
CA VAL A 225 13.68 59.29 -10.22
C VAL A 225 13.52 60.32 -9.10
N VAL A 226 14.50 60.33 -8.20
CA VAL A 226 14.64 61.38 -7.20
C VAL A 226 15.91 62.14 -7.55
N GLU A 227 15.74 63.35 -8.07
CA GLU A 227 16.87 64.09 -8.62
C GLU A 227 17.78 64.63 -7.53
N GLY A 228 17.23 64.92 -6.36
CA GLY A 228 18.04 65.50 -5.31
C GLY A 228 17.79 66.98 -5.10
N ASP A 229 16.52 67.37 -5.05
CA ASP A 229 16.19 68.76 -4.81
C ASP A 229 16.71 69.22 -3.45
N ILE A 230 17.03 70.50 -3.35
CA ILE A 230 17.55 71.07 -2.11
C ILE A 230 16.40 71.57 -1.26
N THR A 231 16.33 71.09 -0.01
CA THR A 231 15.31 71.48 0.94
C THR A 231 15.81 72.46 1.99
N GLN A 232 17.08 72.39 2.37
CA GLN A 232 17.64 73.36 3.31
C GLN A 232 19.10 73.62 3.04
N LEU A 233 19.55 74.79 3.47
CA LEU A 233 20.94 75.21 3.42
C LEU A 233 21.47 75.31 4.84
N VAL A 234 22.59 74.65 5.10
CA VAL A 234 23.16 74.58 6.44
C VAL A 234 24.62 75.01 6.34
N ILE A 235 25.04 75.91 7.23
CA ILE A 235 26.41 76.36 7.31
C ILE A 235 26.90 76.03 8.70
N GLN A 236 27.89 75.14 8.78
CA GLN A 236 28.47 74.69 10.04
C GLN A 236 29.87 75.28 10.17
N PHE A 237 30.10 76.04 11.22
CA PHE A 237 31.40 76.63 11.50
C PHE A 237 32.16 75.77 12.50
N GLN A 238 33.47 75.71 12.32
CA GLN A 238 34.36 75.02 13.25
C GLN A 238 35.49 75.95 13.65
N ASP A 239 35.88 75.89 14.91
CA ASP A 239 37.04 76.64 15.37
C ASP A 239 38.31 76.05 14.75
N LYS A 240 39.42 76.79 14.93
CA LYS A 240 40.71 76.38 14.41
C LYS A 240 41.02 74.90 14.60
N LEU A 241 40.79 74.36 15.79
CA LEU A 241 41.13 72.96 16.05
C LEU A 241 40.08 71.98 15.51
N GLY A 242 39.10 72.45 14.75
CA GLY A 242 38.10 71.57 14.20
C GLY A 242 36.89 71.36 15.08
N ASN A 243 36.89 71.93 16.28
CA ASN A 243 35.72 71.81 17.16
C ASN A 243 34.60 72.69 16.59
N VAL A 244 33.51 72.06 16.18
CA VAL A 244 32.40 72.80 15.59
C VAL A 244 31.84 73.78 16.60
N VAL A 245 31.80 75.06 16.23
CA VAL A 245 31.27 76.09 17.11
C VAL A 245 30.09 76.78 16.44
N GLU A 246 29.46 77.70 17.16
CA GLU A 246 28.39 78.54 16.64
C GLU A 246 28.99 79.89 16.20
N GLY A 247 28.13 80.76 15.67
CA GLY A 247 28.51 82.12 15.34
C GLY A 247 28.00 82.61 14.02
N ASN A 248 27.19 83.67 14.05
CA ASN A 248 26.54 84.23 12.87
C ASN A 248 27.16 85.56 12.45
N THR A 249 28.45 85.74 12.69
CA THR A 249 29.11 86.96 12.28
C THR A 249 29.61 86.88 10.85
N GLN A 250 29.95 85.68 10.41
CA GLN A 250 30.38 85.40 9.05
C GLN A 250 29.25 84.92 8.17
N VAL A 251 28.14 84.48 8.77
CA VAL A 251 27.01 83.99 7.98
C VAL A 251 26.50 85.00 6.96
N PRO A 252 26.30 86.28 7.30
CA PRO A 252 25.78 87.22 6.28
C PRO A 252 26.68 87.33 5.05
N VAL A 253 27.99 87.26 5.22
CA VAL A 253 28.89 87.42 4.07
C VAL A 253 29.01 86.11 3.30
N VAL A 254 28.97 84.97 3.98
CA VAL A 254 29.01 83.69 3.30
C VAL A 254 27.69 83.39 2.58
N ARG A 255 26.58 83.98 3.03
CA ARG A 255 25.33 83.81 2.30
C ARG A 255 25.45 84.40 0.90
N ARG A 256 26.00 85.62 0.78
CA ARG A 256 26.43 86.06 -0.54
C ARG A 256 27.67 85.26 -0.93
N GLU A 257 28.10 85.40 -2.17
CA GLU A 257 29.16 84.55 -2.72
C GLU A 257 28.75 83.08 -2.63
N LEU A 258 27.47 82.81 -2.91
CA LEU A 258 26.89 81.49 -3.00
C LEU A 258 26.01 81.56 -4.25
N PRO A 259 26.12 80.59 -5.16
CA PRO A 259 25.33 80.65 -6.39
C PRO A 259 23.84 80.53 -6.09
N LYS A 260 23.02 81.08 -7.00
CA LYS A 260 21.57 81.02 -6.85
C LYS A 260 21.08 79.59 -6.82
N GLN A 261 21.78 78.72 -7.56
CA GLN A 261 21.53 77.32 -7.81
C GLN A 261 21.77 76.44 -6.58
N LEU A 262 22.42 76.95 -5.54
CA LEU A 262 22.52 76.22 -4.28
C LEU A 262 21.35 76.47 -3.34
N ARG A 263 20.53 77.47 -3.61
CA ARG A 263 19.40 77.74 -2.73
C ARG A 263 18.30 76.69 -2.89
N GLN A 264 17.48 76.57 -1.85
CA GLN A 264 16.35 75.64 -1.90
C GLN A 264 15.44 75.98 -3.07
N GLY A 265 15.02 74.94 -3.79
CA GLY A 265 14.22 75.10 -4.98
C GLY A 265 14.92 74.67 -6.25
N TYR A 266 16.13 74.13 -6.14
CA TYR A 266 16.91 73.66 -7.28
C TYR A 266 17.35 72.23 -7.02
N VAL A 267 17.77 71.55 -8.07
CA VAL A 267 18.39 70.24 -7.94
C VAL A 267 19.87 70.42 -7.69
N PHE A 268 20.40 69.69 -6.71
CA PHE A 268 21.81 69.84 -6.36
C PHE A 268 22.70 69.35 -7.49
N ASN A 269 23.72 70.14 -7.80
CA ASN A 269 24.76 69.76 -8.75
C ASN A 269 26.13 70.05 -8.15
N ILE A 270 27.07 69.13 -8.34
CA ILE A 270 28.39 69.28 -7.77
C ILE A 270 29.14 70.48 -8.35
N GLU A 271 28.76 70.91 -9.56
CA GLU A 271 29.40 72.09 -10.14
C GLU A 271 29.06 73.35 -9.36
N ALA A 272 27.79 73.49 -8.93
CA ALA A 272 27.45 74.60 -8.06
C ALA A 272 28.19 74.51 -6.73
N GLY A 273 28.44 73.30 -6.25
CA GLY A 273 29.27 73.12 -5.07
C GLY A 273 30.69 73.62 -5.28
N LYS A 274 31.26 73.34 -6.46
CA LYS A 274 32.61 73.83 -6.75
C LYS A 274 32.63 75.34 -6.88
N LYS A 275 31.58 75.93 -7.47
CA LYS A 275 31.53 77.38 -7.58
C LYS A 275 31.47 78.04 -6.22
N ALA A 276 30.65 77.50 -5.32
CA ALA A 276 30.67 77.97 -3.93
C ALA A 276 32.04 77.79 -3.29
N LEU A 277 32.60 76.58 -3.43
CA LEU A 277 33.89 76.27 -2.80
C LEU A 277 35.01 77.17 -3.32
N SER A 278 34.83 77.81 -4.47
CA SER A 278 35.83 78.75 -4.96
C SER A 278 35.49 80.21 -4.63
N ASN A 279 34.21 80.58 -4.69
CA ASN A 279 33.83 81.95 -4.33
C ASN A 279 34.16 82.25 -2.87
N ILE A 280 33.74 81.37 -1.95
CA ILE A 280 34.08 81.63 -0.55
C ILE A 280 35.59 81.43 -0.34
N ASN A 281 36.21 80.51 -1.09
CA ASN A 281 37.65 80.32 -0.98
C ASN A 281 38.41 81.61 -1.26
N SER A 282 37.90 82.44 -2.17
CA SER A 282 38.60 83.64 -2.57
C SER A 282 38.73 84.68 -1.46
N LEU A 283 37.99 84.52 -0.35
CA LEU A 283 38.03 85.50 0.74
C LEU A 283 39.14 85.23 1.74
N GLY A 284 39.69 84.02 1.78
CA GLY A 284 40.81 83.75 2.68
C GLY A 284 40.43 83.72 4.13
N LEU A 285 39.20 83.31 4.45
CA LEU A 285 38.69 83.34 5.82
C LEU A 285 38.62 81.97 6.47
N PHE A 286 38.87 80.89 5.73
CA PHE A 286 38.77 79.55 6.30
C PHE A 286 39.94 78.71 5.82
N SER A 287 40.44 77.83 6.70
CA SER A 287 41.50 76.91 6.34
C SER A 287 40.99 75.62 5.75
N ASN A 288 39.67 75.40 5.76
CA ASN A 288 39.12 74.19 5.13
C ASN A 288 37.67 74.42 4.78
N ILE A 289 37.32 74.26 3.51
CA ILE A 289 35.96 74.48 3.03
C ILE A 289 35.46 73.18 2.40
N GLU A 290 34.28 72.73 2.83
CA GLU A 290 33.67 71.55 2.23
C GLU A 290 32.20 71.83 1.97
N VAL A 291 31.73 71.46 0.79
CA VAL A 291 30.31 71.47 0.47
C VAL A 291 29.89 70.01 0.32
N ASN A 292 28.90 69.58 1.12
CA ASN A 292 28.48 68.20 1.12
C ASN A 292 26.96 68.12 1.09
N PRO A 293 26.39 67.35 0.17
CA PRO A 293 24.97 66.99 0.27
C PRO A 293 24.78 65.89 1.29
N ARG A 294 23.65 65.95 1.98
CA ARG A 294 23.28 64.93 2.94
C ARG A 294 21.81 64.60 2.80
N PRO A 295 21.42 63.35 3.09
CA PRO A 295 20.00 63.00 2.97
C PRO A 295 19.21 63.70 4.06
N ASP A 296 18.15 64.39 3.66
CA ASP A 296 17.32 65.12 4.60
C ASP A 296 16.37 64.13 5.27
N GLU A 297 16.50 63.98 6.59
CA GLU A 297 15.70 62.99 7.29
C GLU A 297 14.24 63.40 7.42
N LYS A 298 13.95 64.71 7.36
CA LYS A 298 12.58 65.19 7.49
C LYS A 298 11.83 65.24 6.16
N ASN A 299 12.50 64.99 5.03
CA ASN A 299 11.86 65.05 3.73
C ASN A 299 12.33 63.87 2.87
N GLU A 300 11.38 63.24 2.18
CA GLU A 300 11.69 62.06 1.38
C GLU A 300 12.33 62.49 0.06
N GLY A 301 13.59 62.13 -0.14
CA GLY A 301 14.31 62.48 -1.34
C GLY A 301 14.95 63.86 -1.33
N GLY A 302 14.58 64.72 -0.39
CA GLY A 302 15.20 66.02 -0.29
C GLY A 302 16.65 65.93 0.13
N ILE A 303 17.37 67.03 -0.08
CA ILE A 303 18.81 67.08 0.15
C ILE A 303 19.15 68.31 0.97
N ILE A 304 20.02 68.14 1.96
CA ILE A 304 20.55 69.25 2.75
C ILE A 304 21.95 69.56 2.23
N VAL A 305 22.15 70.79 1.78
CA VAL A 305 23.48 71.27 1.39
C VAL A 305 24.13 71.84 2.64
N GLU A 306 25.08 71.12 3.23
CA GLU A 306 25.81 71.64 4.38
C GLU A 306 27.19 72.11 3.93
N ILE A 307 27.62 73.24 4.49
CA ILE A 307 28.86 73.89 4.10
C ILE A 307 29.72 73.99 5.36
N LYS A 308 30.69 73.09 5.49
CA LYS A 308 31.59 73.06 6.64
C LYS A 308 32.75 74.02 6.41
N LEU A 309 32.93 74.94 7.34
CA LEU A 309 33.99 75.94 7.29
C LEU A 309 34.87 75.77 8.52
N LYS A 310 36.17 75.61 8.31
CA LYS A 310 37.15 75.51 9.37
C LYS A 310 38.09 76.72 9.29
N GLU A 311 38.22 77.42 10.41
CA GLU A 311 38.88 78.72 10.54
C GLU A 311 40.39 78.56 10.67
N LEU A 312 41.10 79.67 10.42
CA LEU A 312 42.55 79.59 10.22
C LEU A 312 43.28 79.33 11.54
N GLU A 313 43.13 80.24 12.50
CA GLU A 313 43.95 80.18 13.71
C GLU A 313 43.32 80.92 14.88
N ASP B 116 -29.79 -30.77 27.16
CA ASP B 116 -29.39 -31.83 26.24
C ASP B 116 -30.47 -32.89 26.17
N ARG B 117 -30.36 -33.80 25.20
CA ARG B 117 -31.43 -34.76 24.98
C ARG B 117 -30.90 -35.97 24.21
N PHE B 118 -31.13 -37.15 24.76
CA PHE B 118 -30.87 -38.41 24.08
C PHE B 118 -32.12 -39.27 24.26
N ARG B 119 -32.88 -39.45 23.18
CA ARG B 119 -34.14 -40.16 23.33
C ARG B 119 -33.99 -41.65 23.16
N CYS B 120 -33.40 -42.10 22.06
CA CYS B 120 -33.21 -43.52 21.84
C CYS B 120 -32.05 -43.76 20.90
N ILE B 121 -31.41 -44.92 21.04
CA ILE B 121 -30.61 -45.50 19.98
C ILE B 121 -31.40 -46.69 19.45
N ASN B 122 -31.88 -46.55 18.23
CA ASN B 122 -32.40 -47.69 17.50
C ASN B 122 -31.23 -48.42 16.89
N VAL B 123 -31.35 -49.74 16.82
CA VAL B 123 -30.39 -50.55 16.11
C VAL B 123 -31.22 -51.31 15.10
N GLY B 124 -31.17 -50.87 13.85
CA GLY B 124 -31.83 -51.54 12.75
C GLY B 124 -30.74 -52.19 11.92
N LEU B 125 -31.04 -53.38 11.42
CA LEU B 125 -30.17 -54.09 10.52
C LEU B 125 -30.79 -54.04 9.12
N MET B 126 -29.95 -53.77 8.12
CA MET B 126 -30.42 -53.44 6.78
C MET B 126 -29.87 -54.37 5.70
N VAL B 127 -29.31 -55.52 6.09
CA VAL B 127 -28.93 -56.53 5.11
C VAL B 127 -30.12 -56.88 4.22
N GLN B 128 -29.84 -57.01 2.92
CA GLN B 128 -30.79 -57.51 1.94
C GLN B 128 -32.05 -56.65 1.85
N SER B 129 -31.93 -55.37 2.20
CA SER B 129 -33.07 -54.48 2.07
C SER B 129 -33.30 -54.14 0.61
N LYS B 130 -34.48 -53.61 0.32
CA LYS B 130 -34.87 -53.28 -1.05
C LYS B 130 -35.14 -51.79 -1.07
N PRO B 131 -34.25 -50.99 -1.65
CA PRO B 131 -34.41 -49.54 -1.64
C PRO B 131 -35.33 -49.07 -2.75
N ILE B 132 -36.44 -48.44 -2.37
CA ILE B 132 -37.23 -47.62 -3.27
C ILE B 132 -36.42 -46.38 -3.60
N GLU B 133 -36.82 -45.61 -4.61
CA GLU B 133 -36.02 -44.45 -5.00
C GLU B 133 -36.94 -43.37 -5.55
N MET B 134 -36.33 -42.34 -6.10
CA MET B 134 -37.00 -41.20 -6.74
C MET B 134 -35.90 -40.36 -7.37
N ASP B 135 -36.28 -39.24 -7.98
CA ASP B 135 -35.35 -38.32 -8.61
C ASP B 135 -35.84 -36.92 -8.30
N SER B 136 -34.98 -35.92 -8.52
CA SER B 136 -35.30 -34.59 -7.99
C SER B 136 -36.00 -33.69 -9.01
N ASP B 137 -36.19 -32.43 -8.59
CA ASP B 137 -36.96 -31.38 -9.22
C ASP B 137 -36.08 -30.22 -9.66
N MET B 138 -36.73 -29.12 -10.06
CA MET B 138 -36.07 -27.88 -10.48
C MET B 138 -36.80 -26.68 -9.85
N THR B 139 -37.22 -26.80 -8.60
CA THR B 139 -38.04 -25.81 -7.91
C THR B 139 -37.44 -25.51 -6.53
N ASP B 140 -37.96 -24.49 -5.84
CA ASP B 140 -37.41 -24.00 -4.58
C ASP B 140 -38.08 -24.54 -3.33
N LYS B 141 -39.38 -24.27 -3.15
CA LYS B 141 -40.12 -24.80 -2.01
C LYS B 141 -40.22 -26.32 -2.06
N GLU B 142 -40.37 -26.86 -3.28
CA GLU B 142 -40.43 -28.31 -3.39
C GLU B 142 -39.19 -28.91 -2.78
N LYS B 143 -38.00 -28.35 -3.06
CA LYS B 143 -36.80 -29.01 -2.57
C LYS B 143 -36.87 -29.28 -1.07
N LEU B 144 -37.50 -28.38 -0.30
CA LEU B 144 -37.89 -28.71 1.07
C LEU B 144 -38.90 -29.86 1.12
N GLU B 145 -39.93 -29.83 0.28
CA GLU B 145 -40.87 -30.96 0.20
C GLU B 145 -40.15 -32.30 0.00
N TYR B 146 -39.27 -32.35 -0.99
CA TYR B 146 -38.51 -33.56 -1.33
C TYR B 146 -37.61 -33.99 -0.18
N TYR B 147 -36.89 -33.03 0.42
CA TYR B 147 -36.05 -33.36 1.56
C TYR B 147 -36.86 -33.80 2.77
N ARG B 148 -38.17 -33.56 2.77
CA ARG B 148 -39.03 -34.10 3.82
C ARG B 148 -39.60 -35.46 3.45
N SER B 149 -39.92 -35.66 2.17
CA SER B 149 -40.30 -36.99 1.71
C SER B 149 -39.20 -37.99 1.98
N LEU B 150 -37.94 -37.56 1.89
CA LEU B 150 -36.84 -38.45 2.21
C LEU B 150 -36.83 -38.82 3.69
N GLU B 151 -37.14 -37.87 4.58
CA GLU B 151 -37.24 -38.18 6.01
C GLU B 151 -38.34 -39.19 6.28
N LYS B 152 -39.50 -38.97 5.68
CA LYS B 152 -40.61 -39.91 5.84
C LYS B 152 -40.24 -41.29 5.30
N ASP B 153 -39.58 -41.33 4.13
CA ASP B 153 -39.13 -42.59 3.57
C ASP B 153 -38.14 -43.29 4.49
N TYR B 154 -37.29 -42.52 5.19
CA TYR B 154 -36.36 -43.13 6.13
C TYR B 154 -37.09 -43.76 7.31
N LYS B 155 -38.12 -43.08 7.81
CA LYS B 155 -38.95 -43.70 8.84
C LYS B 155 -39.59 -44.99 8.33
N ARG B 156 -40.12 -44.94 7.10
CA ARG B 156 -40.66 -46.15 6.48
C ARG B 156 -39.63 -47.27 6.45
N ARG B 157 -38.37 -46.92 6.13
CA ARG B 157 -37.32 -47.92 6.07
C ARG B 157 -37.07 -48.54 7.44
N ILE B 158 -37.01 -47.72 8.49
CA ILE B 158 -36.79 -48.28 9.83
C ILE B 158 -37.97 -49.14 10.24
N ASP B 159 -39.15 -48.88 9.67
CA ASP B 159 -40.33 -49.70 9.96
C ASP B 159 -40.30 -51.04 9.21
N ARG B 160 -39.86 -51.03 7.96
CA ARG B 160 -39.78 -52.27 7.18
C ARG B 160 -38.74 -53.25 7.73
N ALA B 161 -37.71 -52.75 8.41
CA ALA B 161 -36.51 -53.53 8.68
C ALA B 161 -36.72 -54.57 9.79
N ARG B 162 -35.75 -55.52 9.85
CA ARG B 162 -35.57 -56.58 10.85
C ARG B 162 -34.85 -56.04 12.07
N PRO B 163 -35.28 -56.43 13.28
CA PRO B 163 -34.51 -56.08 14.47
C PRO B 163 -33.22 -56.88 14.51
N CYS B 164 -32.28 -56.41 15.32
CA CYS B 164 -30.94 -56.98 15.34
C CYS B 164 -30.80 -57.99 16.47
N LEU B 165 -29.61 -58.57 16.57
CA LEU B 165 -29.32 -59.55 17.61
C LEU B 165 -28.79 -58.90 18.87
N LEU B 166 -28.71 -57.58 18.91
CA LEU B 166 -28.21 -56.88 20.08
C LEU B 166 -29.13 -57.10 21.27
N PRO B 167 -28.63 -57.61 22.38
CA PRO B 167 -29.46 -57.80 23.57
C PRO B 167 -29.64 -56.51 24.36
N ALA B 168 -30.56 -56.56 25.31
CA ALA B 168 -30.83 -55.39 26.15
C ALA B 168 -29.62 -54.87 26.91
N PRO B 169 -28.72 -55.69 27.47
CA PRO B 169 -27.59 -55.11 28.22
C PRO B 169 -26.72 -54.16 27.41
N VAL B 170 -26.51 -54.45 26.12
CA VAL B 170 -25.62 -53.58 25.38
C VAL B 170 -26.36 -52.33 24.93
N TYR B 171 -27.66 -52.44 24.70
CA TYR B 171 -28.51 -51.26 24.57
C TYR B 171 -28.37 -50.35 25.78
N GLY B 172 -28.45 -50.94 26.98
CA GLY B 172 -28.34 -50.14 28.19
C GLY B 172 -26.98 -49.48 28.34
N GLU B 173 -25.91 -50.23 28.08
CA GLU B 173 -24.57 -49.65 28.19
C GLU B 173 -24.38 -48.52 27.19
N VAL B 174 -24.79 -48.75 25.93
CA VAL B 174 -24.68 -47.71 24.92
C VAL B 174 -25.50 -46.49 25.29
N MET B 175 -26.69 -46.70 25.87
CA MET B 175 -27.53 -45.56 26.25
C MET B 175 -26.94 -44.81 27.44
N GLN B 176 -26.21 -45.52 28.31
CA GLN B 176 -25.43 -44.85 29.36
C GLN B 176 -24.31 -44.03 28.74
N MET B 177 -23.64 -44.58 27.72
CA MET B 177 -22.64 -43.81 26.97
C MET B 177 -23.26 -42.58 26.33
N LEU B 178 -24.48 -42.69 25.81
CA LEU B 178 -25.15 -41.54 25.21
C LEU B 178 -25.41 -40.47 26.25
N ARG B 179 -25.74 -40.88 27.47
CA ARG B 179 -25.79 -39.91 28.56
C ARG B 179 -24.34 -39.66 28.98
N ASP B 180 -24.14 -38.77 29.95
CA ASP B 180 -22.82 -38.41 30.46
C ASP B 180 -22.00 -37.61 29.45
N GLN B 181 -22.51 -37.38 28.24
CA GLN B 181 -21.82 -36.58 27.24
C GLN B 181 -22.57 -35.31 26.84
N GLY B 182 -23.89 -35.31 26.86
CA GLY B 182 -24.68 -34.13 26.52
C GLY B 182 -24.65 -33.75 25.06
N LYS B 183 -23.44 -33.54 24.54
CA LYS B 183 -23.24 -33.25 23.12
C LYS B 183 -22.98 -34.57 22.41
N VAL B 184 -23.59 -34.75 21.24
CA VAL B 184 -23.40 -35.97 20.48
C VAL B 184 -22.21 -35.75 19.54
N SER B 185 -21.10 -36.42 19.82
CA SER B 185 -19.88 -36.30 19.04
C SER B 185 -19.61 -37.59 18.27
N ALA B 186 -18.91 -37.45 17.14
CA ALA B 186 -18.63 -38.61 16.29
C ALA B 186 -17.68 -39.59 16.96
N ARG B 187 -16.80 -39.12 17.84
CA ARG B 187 -15.88 -40.03 18.52
C ARG B 187 -16.65 -40.97 19.45
N LEU B 188 -17.69 -40.44 20.11
CA LEU B 188 -18.56 -41.29 20.90
C LEU B 188 -19.28 -42.31 20.02
N LEU B 189 -19.72 -41.89 18.83
CA LEU B 189 -20.32 -42.82 17.88
C LEU B 189 -19.35 -43.93 17.51
N GLN B 190 -18.07 -43.60 17.34
CA GLN B 190 -17.06 -44.63 17.10
C GLN B 190 -16.96 -45.61 18.27
N ARG B 191 -16.96 -45.07 19.50
CA ARG B 191 -16.88 -45.95 20.67
C ARG B 191 -18.11 -46.85 20.78
N ILE B 192 -19.29 -46.31 20.45
CA ILE B 192 -20.51 -47.10 20.43
C ILE B 192 -20.41 -48.22 19.39
N ARG B 193 -19.91 -47.89 18.20
CA ARG B 193 -19.67 -48.92 17.19
C ARG B 193 -18.75 -50.00 17.73
N ASP B 194 -17.68 -49.59 18.44
CA ASP B 194 -16.77 -50.57 19.02
C ASP B 194 -17.50 -51.51 19.96
N ARG B 195 -18.37 -50.96 20.82
CA ARG B 195 -19.11 -51.81 21.75
C ARG B 195 -20.03 -52.78 21.03
N VAL B 196 -20.81 -52.27 20.06
CA VAL B 196 -21.78 -53.13 19.36
C VAL B 196 -21.08 -54.23 18.58
N GLN B 197 -20.01 -53.87 17.87
CA GLN B 197 -19.27 -54.87 17.11
C GLN B 197 -18.53 -55.83 18.04
N LYS B 198 -18.09 -55.37 19.22
CA LYS B 198 -17.51 -56.28 20.19
C LYS B 198 -18.52 -57.33 20.62
N TRP B 199 -19.76 -56.92 20.90
CA TRP B 199 -20.77 -57.92 21.23
C TRP B 199 -20.94 -58.91 20.09
N TYR B 200 -21.15 -58.39 18.87
CA TYR B 200 -21.39 -59.27 17.72
C TYR B 200 -20.24 -60.26 17.54
N HIS B 201 -19.00 -59.77 17.61
CA HIS B 201 -17.86 -60.64 17.38
C HIS B 201 -17.64 -61.63 18.52
N ASP B 202 -17.91 -61.21 19.76
CA ASP B 202 -17.74 -62.10 20.90
C ASP B 202 -18.69 -63.28 20.84
N GLU B 203 -19.88 -63.09 20.27
CA GLU B 203 -20.82 -64.17 20.03
C GLU B 203 -20.55 -64.92 18.73
N GLY B 204 -19.41 -64.66 18.09
CA GLY B 204 -19.03 -65.37 16.88
C GLY B 204 -19.77 -64.98 15.63
N TYR B 205 -20.32 -63.77 15.57
CA TYR B 205 -20.87 -63.24 14.32
C TYR B 205 -19.79 -62.42 13.61
N ALA B 206 -18.84 -63.16 13.03
CA ALA B 206 -17.59 -62.58 12.58
C ALA B 206 -17.79 -61.55 11.48
N CYS B 207 -18.81 -61.72 10.64
CA CYS B 207 -19.02 -60.85 9.50
C CYS B 207 -19.86 -59.62 9.83
N ALA B 208 -20.36 -59.52 11.06
CA ALA B 208 -21.21 -58.39 11.41
C ALA B 208 -20.42 -57.08 11.35
N GLN B 209 -21.13 -56.01 10.99
CA GLN B 209 -20.51 -54.71 10.78
C GLN B 209 -21.57 -53.62 10.85
N VAL B 210 -21.21 -52.48 11.42
CA VAL B 210 -22.03 -51.28 11.35
C VAL B 210 -21.77 -50.59 10.03
N VAL B 211 -22.83 -50.02 9.43
CA VAL B 211 -22.67 -49.37 8.13
C VAL B 211 -23.17 -47.94 8.09
N ASN B 212 -24.05 -47.49 8.98
CA ASN B 212 -24.54 -46.12 8.89
C ASN B 212 -25.07 -45.67 10.24
N PHE B 213 -25.04 -44.36 10.46
CA PHE B 213 -25.59 -43.71 11.66
C PHE B 213 -26.51 -42.58 11.23
N GLY B 214 -27.79 -42.89 11.03
CA GLY B 214 -28.74 -41.86 10.67
C GLY B 214 -29.37 -41.18 11.88
N ASN B 215 -30.08 -40.10 11.60
CA ASN B 215 -30.83 -39.38 12.62
C ASN B 215 -32.10 -38.86 11.99
N LEU B 216 -33.20 -38.97 12.72
CA LEU B 216 -34.43 -38.31 12.34
C LEU B 216 -34.59 -36.97 13.03
N ASN B 217 -33.90 -36.80 14.14
CA ASN B 217 -33.69 -35.57 14.87
C ASN B 217 -32.35 -35.65 15.56
N THR B 218 -31.81 -34.52 15.96
CA THR B 218 -30.48 -34.53 16.54
C THR B 218 -30.39 -35.34 17.85
N LYS B 219 -31.51 -35.79 18.44
CA LYS B 219 -31.47 -36.52 19.71
C LYS B 219 -31.72 -38.02 19.60
N GLU B 220 -32.20 -38.50 18.46
CA GLU B 220 -32.49 -39.93 18.26
C GLU B 220 -31.50 -40.49 17.24
N VAL B 221 -30.67 -41.45 17.68
CA VAL B 221 -29.64 -42.03 16.85
C VAL B 221 -30.12 -43.37 16.33
N VAL B 222 -29.92 -43.62 15.02
CA VAL B 222 -30.32 -44.85 14.37
C VAL B 222 -29.06 -45.51 13.84
N CYS B 223 -28.71 -46.66 14.39
CA CYS B 223 -27.50 -47.39 14.02
C CYS B 223 -27.88 -48.56 13.11
N GLU B 224 -27.27 -48.62 11.94
CA GLU B 224 -27.56 -49.61 10.93
C GLU B 224 -26.45 -50.65 10.89
N VAL B 225 -26.83 -51.93 10.94
CA VAL B 225 -25.88 -53.02 11.01
C VAL B 225 -26.08 -53.98 9.84
N VAL B 226 -24.99 -54.62 9.41
CA VAL B 226 -25.04 -55.75 8.50
C VAL B 226 -24.53 -56.97 9.26
N GLU B 227 -25.45 -57.89 9.59
CA GLU B 227 -25.10 -59.00 10.47
C GLU B 227 -24.24 -60.05 9.78
N GLY B 228 -24.39 -60.21 8.46
CA GLY B 228 -23.65 -61.25 7.78
C GLY B 228 -24.46 -62.46 7.37
N ASP B 229 -25.62 -62.21 6.77
CA ASP B 229 -26.46 -63.31 6.28
C ASP B 229 -25.75 -64.12 5.21
N ILE B 230 -26.13 -65.39 5.13
CA ILE B 230 -25.57 -66.31 4.14
C ILE B 230 -26.46 -66.25 2.90
N THR B 231 -25.86 -65.96 1.75
CA THR B 231 -26.61 -65.89 0.50
C THR B 231 -26.42 -67.10 -0.40
N GLN B 232 -25.23 -67.69 -0.42
CA GLN B 232 -24.98 -68.87 -1.25
C GLN B 232 -23.89 -69.71 -0.60
N LEU B 233 -23.90 -71.01 -0.92
CA LEU B 233 -22.97 -71.99 -0.38
C LEU B 233 -22.07 -72.52 -1.49
N VAL B 234 -20.75 -72.47 -1.27
CA VAL B 234 -19.76 -72.81 -2.28
C VAL B 234 -18.80 -73.86 -1.70
N ILE B 235 -18.55 -74.92 -2.47
CA ILE B 235 -17.63 -75.99 -2.09
C ILE B 235 -16.54 -76.10 -3.15
N GLN B 236 -15.29 -75.84 -2.75
CA GLN B 236 -14.15 -75.93 -3.65
C GLN B 236 -13.31 -77.14 -3.28
N PHE B 237 -13.12 -78.06 -4.22
CA PHE B 237 -12.29 -79.23 -4.03
C PHE B 237 -10.90 -79.03 -4.61
N GLN B 238 -9.90 -79.60 -3.95
CA GLN B 238 -8.52 -79.60 -4.42
C GLN B 238 -7.97 -81.01 -4.39
N ASP B 239 -7.16 -81.34 -5.39
CA ASP B 239 -6.49 -82.63 -5.42
C ASP B 239 -5.42 -82.69 -4.33
N LYS B 240 -4.90 -83.90 -4.11
CA LYS B 240 -3.82 -84.16 -3.17
C LYS B 240 -2.71 -83.13 -3.29
N LEU B 241 -2.32 -82.82 -4.53
CA LEU B 241 -1.22 -81.89 -4.78
C LEU B 241 -1.62 -80.43 -4.63
N GLY B 242 -2.86 -80.15 -4.23
CA GLY B 242 -3.34 -78.80 -4.01
C GLY B 242 -3.93 -78.11 -5.22
N ASN B 243 -3.87 -78.73 -6.40
CA ASN B 243 -4.47 -78.15 -7.60
C ASN B 243 -5.99 -78.28 -7.53
N VAL B 244 -6.68 -77.14 -7.59
CA VAL B 244 -8.14 -77.13 -7.50
C VAL B 244 -8.72 -77.96 -8.64
N VAL B 245 -9.53 -78.95 -8.27
CA VAL B 245 -10.18 -79.86 -9.22
C VAL B 245 -11.69 -79.74 -9.07
N GLU B 246 -12.43 -80.54 -9.81
CA GLU B 246 -13.88 -80.58 -9.69
C GLU B 246 -14.26 -81.58 -8.60
N GLY B 247 -15.56 -81.62 -8.29
CA GLY B 247 -16.09 -82.58 -7.33
C GLY B 247 -17.28 -83.31 -7.89
N ASN B 248 -17.17 -84.62 -8.05
CA ASN B 248 -18.22 -85.40 -8.72
C ASN B 248 -19.07 -86.21 -7.75
N THR B 249 -18.48 -87.16 -7.04
CA THR B 249 -19.20 -88.02 -6.12
C THR B 249 -19.21 -87.51 -4.69
N GLN B 250 -18.25 -86.66 -4.32
CA GLN B 250 -18.13 -86.24 -2.93
C GLN B 250 -19.01 -85.04 -2.58
N VAL B 251 -19.50 -84.30 -3.57
CA VAL B 251 -20.35 -83.14 -3.27
C VAL B 251 -21.58 -83.52 -2.47
N PRO B 252 -22.36 -84.54 -2.83
CA PRO B 252 -23.57 -84.85 -2.03
C PRO B 252 -23.28 -85.24 -0.59
N VAL B 253 -22.16 -85.90 -0.32
CA VAL B 253 -21.92 -86.37 1.05
C VAL B 253 -21.41 -85.24 1.93
N VAL B 254 -20.62 -84.31 1.38
CA VAL B 254 -20.20 -83.15 2.16
C VAL B 254 -21.38 -82.20 2.34
N ARG B 255 -22.28 -82.15 1.36
CA ARG B 255 -23.52 -81.39 1.52
C ARG B 255 -24.37 -81.98 2.64
N ARG B 256 -24.38 -83.32 2.75
CA ARG B 256 -25.13 -83.97 3.82
C ARG B 256 -24.61 -83.56 5.20
N GLU B 257 -23.30 -83.45 5.37
CA GLU B 257 -22.71 -83.15 6.67
C GLU B 257 -22.51 -81.66 6.89
N LEU B 258 -23.55 -80.87 6.64
CA LEU B 258 -23.50 -79.42 6.85
C LEU B 258 -24.70 -79.00 7.67
N PRO B 259 -24.49 -78.26 8.77
CA PRO B 259 -25.62 -77.83 9.60
C PRO B 259 -26.52 -76.85 8.89
N LYS B 260 -27.77 -76.82 9.35
CA LYS B 260 -28.79 -75.94 8.74
C LYS B 260 -28.40 -74.48 8.85
N GLN B 261 -27.70 -74.08 9.92
CA GLN B 261 -27.38 -72.67 10.11
C GLN B 261 -26.36 -72.16 9.11
N LEU B 262 -25.67 -73.05 8.38
CA LEU B 262 -24.76 -72.64 7.32
C LEU B 262 -25.46 -72.46 5.98
N ARG B 263 -26.67 -72.97 5.83
CA ARG B 263 -27.39 -72.81 4.58
C ARG B 263 -27.90 -71.38 4.42
N GLN B 264 -28.19 -71.01 3.18
CA GLN B 264 -28.75 -69.70 2.88
C GLN B 264 -30.02 -69.46 3.69
N GLY B 265 -30.13 -68.26 4.25
CA GLY B 265 -31.24 -67.88 5.09
C GLY B 265 -30.90 -67.65 6.56
N TYR B 266 -29.64 -67.75 6.94
CA TYR B 266 -29.21 -67.55 8.32
C TYR B 266 -28.07 -66.54 8.36
N VAL B 267 -27.80 -66.05 9.57
CA VAL B 267 -26.62 -65.23 9.82
C VAL B 267 -25.46 -66.15 10.11
N PHE B 268 -24.31 -65.87 9.49
CA PHE B 268 -23.13 -66.71 9.67
C PHE B 268 -22.63 -66.61 11.10
N ASN B 269 -22.35 -67.77 11.70
CA ASN B 269 -21.71 -67.85 13.00
C ASN B 269 -20.57 -68.84 12.92
N ILE B 270 -19.45 -68.53 13.57
CA ILE B 270 -18.28 -69.41 13.51
C ILE B 270 -18.55 -70.75 14.18
N GLU B 271 -19.56 -70.82 15.05
CA GLU B 271 -19.90 -72.12 15.64
C GLU B 271 -20.41 -73.09 14.58
N ALA B 272 -21.24 -72.61 13.65
CA ALA B 272 -21.66 -73.46 12.55
C ALA B 272 -20.48 -73.86 11.68
N GLY B 273 -19.49 -72.97 11.52
CA GLY B 273 -18.27 -73.35 10.82
C GLY B 273 -17.52 -74.46 11.52
N LYS B 274 -17.44 -74.38 12.85
CA LYS B 274 -16.76 -75.42 13.63
C LYS B 274 -17.53 -76.74 13.58
N LYS B 275 -18.86 -76.66 13.61
CA LYS B 275 -19.67 -77.87 13.48
C LYS B 275 -19.47 -78.52 12.12
N ALA B 276 -19.42 -77.72 11.06
CA ALA B 276 -19.08 -78.26 9.75
C ALA B 276 -17.70 -78.90 9.76
N LEU B 277 -16.69 -78.17 10.27
CA LEU B 277 -15.33 -78.67 10.28
C LEU B 277 -15.17 -79.94 11.12
N SER B 278 -16.11 -80.21 12.02
CA SER B 278 -16.04 -81.42 12.83
C SER B 278 -16.88 -82.56 12.27
N ASN B 279 -18.04 -82.26 11.71
CA ASN B 279 -18.82 -83.29 11.02
C ASN B 279 -18.06 -83.82 9.81
N ILE B 280 -17.50 -82.90 9.02
CA ILE B 280 -16.72 -83.30 7.85
C ILE B 280 -15.45 -84.02 8.26
N ASN B 281 -14.85 -83.59 9.38
CA ASN B 281 -13.65 -84.25 9.88
C ASN B 281 -13.90 -85.73 10.15
N SER B 282 -15.10 -86.08 10.62
CA SER B 282 -15.40 -87.44 11.03
C SER B 282 -15.41 -88.43 9.87
N LEU B 283 -15.42 -87.95 8.63
CA LEU B 283 -15.48 -88.85 7.48
C LEU B 283 -14.10 -89.29 7.02
N GLY B 284 -13.04 -88.57 7.39
CA GLY B 284 -11.69 -88.99 7.06
C GLY B 284 -11.34 -88.96 5.59
N LEU B 285 -11.91 -88.02 4.84
CA LEU B 285 -11.74 -87.98 3.40
C LEU B 285 -10.82 -86.87 2.92
N PHE B 286 -10.45 -85.92 3.78
CA PHE B 286 -9.66 -84.78 3.34
C PHE B 286 -8.53 -84.51 4.34
N SER B 287 -7.40 -84.06 3.80
CA SER B 287 -6.25 -83.70 4.61
C SER B 287 -6.29 -82.25 5.10
N ASN B 288 -7.26 -81.46 4.64
CA ASN B 288 -7.38 -80.07 5.08
C ASN B 288 -8.80 -79.62 4.81
N ILE B 289 -9.48 -79.14 5.85
CA ILE B 289 -10.85 -78.65 5.76
C ILE B 289 -10.85 -77.20 6.23
N GLU B 290 -11.44 -76.31 5.44
CA GLU B 290 -11.54 -74.90 5.81
C GLU B 290 -12.95 -74.41 5.55
N VAL B 291 -13.52 -73.70 6.52
CA VAL B 291 -14.76 -72.96 6.34
C VAL B 291 -14.43 -71.48 6.41
N ASN B 292 -14.73 -70.74 5.35
CA ASN B 292 -14.38 -69.33 5.31
C ASN B 292 -15.58 -68.54 4.80
N PRO B 293 -16.02 -67.51 5.52
CA PRO B 293 -16.94 -66.55 4.94
C PRO B 293 -16.18 -65.51 4.11
N ARG B 294 -16.79 -65.10 3.00
CA ARG B 294 -16.25 -64.02 2.20
C ARG B 294 -17.41 -63.17 1.70
N PRO B 295 -17.20 -61.87 1.48
CA PRO B 295 -18.32 -61.00 1.09
C PRO B 295 -18.85 -61.32 -0.29
N ASP B 296 -20.17 -61.45 -0.40
CA ASP B 296 -20.85 -61.69 -1.66
C ASP B 296 -20.98 -60.38 -2.43
N GLU B 297 -20.34 -60.29 -3.59
CA GLU B 297 -20.33 -59.05 -4.35
C GLU B 297 -21.67 -58.77 -5.02
N LYS B 298 -22.47 -59.81 -5.27
CA LYS B 298 -23.75 -59.68 -5.94
C LYS B 298 -24.89 -59.31 -5.00
N ASN B 299 -24.64 -59.26 -3.69
CA ASN B 299 -25.64 -58.93 -2.69
C ASN B 299 -25.04 -58.00 -1.65
N GLU B 300 -25.80 -56.99 -1.25
CA GLU B 300 -25.31 -56.01 -0.29
C GLU B 300 -25.36 -56.61 1.11
N GLY B 301 -24.19 -56.81 1.72
CA GLY B 301 -24.10 -57.39 3.04
C GLY B 301 -24.14 -58.89 3.09
N GLY B 302 -24.52 -59.56 1.99
CA GLY B 302 -24.55 -61.00 1.97
C GLY B 302 -23.17 -61.61 2.08
N ILE B 303 -23.16 -62.90 2.42
CA ILE B 303 -21.92 -63.63 2.69
C ILE B 303 -21.95 -64.95 1.94
N ILE B 304 -20.81 -65.31 1.34
CA ILE B 304 -20.60 -66.59 0.69
C ILE B 304 -19.83 -67.46 1.67
N VAL B 305 -20.41 -68.60 2.03
CA VAL B 305 -19.72 -69.60 2.84
C VAL B 305 -18.99 -70.53 1.87
N GLU B 306 -17.67 -70.39 1.78
CA GLU B 306 -16.85 -71.26 0.96
C GLU B 306 -16.20 -72.32 1.84
N ILE B 307 -16.16 -73.55 1.34
CA ILE B 307 -15.68 -74.69 2.10
C ILE B 307 -14.58 -75.34 1.27
N LYS B 308 -13.33 -75.07 1.64
CA LYS B 308 -12.17 -75.58 0.90
C LYS B 308 -11.81 -76.97 1.42
N LEU B 309 -11.81 -77.95 0.51
CA LEU B 309 -11.48 -79.34 0.83
C LEU B 309 -10.31 -79.81 0.00
N LYS B 310 -9.29 -80.36 0.66
CA LYS B 310 -8.13 -80.94 0.00
C LYS B 310 -8.03 -82.42 0.38
N GLU B 311 -7.97 -83.31 -0.61
CA GLU B 311 -8.02 -84.73 -0.32
C GLU B 311 -6.66 -85.27 0.06
N LEU B 312 -6.67 -86.37 0.82
CA LEU B 312 -5.46 -86.90 1.45
C LEU B 312 -4.56 -87.61 0.44
N GLU B 313 -5.15 -88.35 -0.49
CA GLU B 313 -4.36 -89.20 -1.39
C GLU B 313 -5.05 -89.39 -2.73
N SER C 3 -19.88 35.94 -4.22
CA SER C 3 -19.18 37.12 -4.69
C SER C 3 -17.69 36.83 -4.86
N GLU C 4 -17.11 36.14 -3.88
CA GLU C 4 -15.70 35.79 -3.89
C GLU C 4 -15.56 34.36 -4.41
N VAL C 5 -15.62 34.23 -5.73
CA VAL C 5 -15.48 32.95 -6.40
C VAL C 5 -14.03 32.85 -6.87
N GLN C 6 -13.47 31.64 -6.79
CA GLN C 6 -12.06 31.51 -6.53
C GLN C 6 -11.46 30.46 -7.45
N LEU C 7 -10.24 30.06 -7.13
CA LEU C 7 -9.41 29.23 -7.98
C LEU C 7 -9.37 27.77 -7.52
N VAL C 8 -9.38 26.87 -8.49
CA VAL C 8 -9.16 25.45 -8.24
C VAL C 8 -8.05 25.01 -9.20
N GLU C 9 -6.96 24.52 -8.63
CA GLU C 9 -5.89 23.91 -9.41
C GLU C 9 -6.20 22.44 -9.59
N SER C 10 -6.14 21.98 -10.83
CA SER C 10 -6.41 20.59 -11.16
C SER C 10 -5.17 19.98 -11.79
N GLY C 11 -5.14 18.66 -11.77
CA GLY C 11 -3.95 17.96 -12.21
C GLY C 11 -3.01 17.78 -11.04
N GLY C 12 -1.78 17.38 -11.35
CA GLY C 12 -0.80 17.17 -10.31
C GLY C 12 -0.88 15.76 -9.76
N GLY C 13 0.28 15.22 -9.39
CA GLY C 13 0.34 13.85 -8.92
C GLY C 13 1.78 13.41 -8.81
N LEU C 14 1.98 12.11 -8.89
CA LEU C 14 3.32 11.54 -8.86
C LEU C 14 3.86 11.38 -10.28
N VAL C 15 5.11 11.77 -10.47
CA VAL C 15 5.82 11.63 -11.73
C VAL C 15 7.26 11.22 -11.40
N GLN C 16 7.94 10.62 -12.37
CA GLN C 16 9.32 10.17 -12.22
C GLN C 16 10.27 11.21 -12.78
N PRO C 17 11.55 11.14 -12.40
CA PRO C 17 12.54 12.06 -12.98
C PRO C 17 12.64 11.92 -14.49
N GLY C 18 12.50 13.04 -15.19
CA GLY C 18 12.45 13.07 -16.63
C GLY C 18 11.05 13.05 -17.22
N GLY C 19 10.03 12.86 -16.40
CA GLY C 19 8.65 12.78 -16.86
C GLY C 19 8.09 14.14 -17.20
N SER C 20 6.76 14.20 -17.27
CA SER C 20 6.07 15.43 -17.63
C SER C 20 4.70 15.46 -16.96
N LEU C 21 4.13 16.65 -16.88
CA LEU C 21 2.82 16.83 -16.26
C LEU C 21 2.21 18.12 -16.78
N ARG C 22 0.89 18.20 -16.70
CA ARG C 22 0.19 19.43 -17.06
C ARG C 22 -0.83 19.75 -15.97
N LEU C 23 -0.78 20.99 -15.47
CA LEU C 23 -1.69 21.47 -14.45
C LEU C 23 -2.67 22.45 -15.07
N SER C 24 -3.92 22.37 -14.60
CA SER C 24 -4.99 23.28 -14.99
C SER C 24 -5.29 24.20 -13.82
N CYS C 25 -5.92 25.32 -14.14
CA CYS C 25 -6.27 26.33 -13.16
C CYS C 25 -7.56 26.96 -13.63
N ALA C 26 -8.66 26.75 -12.89
CA ALA C 26 -9.98 27.12 -13.39
C ALA C 26 -10.39 28.44 -12.77
N ALA C 27 -10.72 29.41 -13.63
CA ALA C 27 -11.00 30.79 -13.22
C ALA C 27 -12.50 31.00 -13.19
N SER C 28 -13.08 30.96 -11.99
CA SER C 28 -14.52 31.05 -11.85
C SER C 28 -14.89 32.37 -11.17
N GLY C 29 -15.70 33.16 -11.86
CA GLY C 29 -16.14 34.46 -11.39
C GLY C 29 -15.30 35.66 -11.75
N PHE C 30 -14.14 35.51 -12.38
CA PHE C 30 -13.39 36.71 -12.75
C PHE C 30 -13.07 36.70 -14.24
N ASN C 31 -12.83 37.91 -14.76
CA ASN C 31 -12.56 38.12 -16.18
C ASN C 31 -11.04 38.28 -16.39
N PHE C 32 -10.35 37.15 -16.60
CA PHE C 32 -8.88 37.21 -16.66
C PHE C 32 -8.33 37.81 -17.95
N TYR C 33 -8.85 38.95 -18.36
CA TYR C 33 -8.15 39.79 -19.32
C TYR C 33 -7.48 40.94 -18.58
N TYR C 34 -8.17 41.42 -17.56
CA TYR C 34 -7.71 42.49 -16.70
C TYR C 34 -6.73 41.99 -15.65
N TYR C 35 -6.66 40.68 -15.46
CA TYR C 35 -5.79 40.09 -14.45
C TYR C 35 -4.67 39.30 -15.12
N SER C 36 -3.62 39.06 -14.35
CA SER C 36 -2.49 38.24 -14.79
C SER C 36 -2.43 36.98 -13.94
N ILE C 37 -2.15 35.85 -14.58
CA ILE C 37 -2.16 34.56 -13.90
C ILE C 37 -0.72 34.15 -13.64
N HIS C 38 -0.41 33.86 -12.37
CA HIS C 38 0.92 33.46 -11.95
C HIS C 38 0.87 32.10 -11.29
N TRP C 39 1.93 31.33 -11.51
CA TRP C 39 2.14 30.04 -10.87
C TRP C 39 3.33 30.15 -9.92
N VAL C 40 3.12 29.75 -8.67
CA VAL C 40 4.10 29.83 -7.60
C VAL C 40 4.20 28.47 -6.91
N ARG C 41 5.41 28.00 -6.65
CA ARG C 41 5.59 26.68 -6.04
C ARG C 41 6.24 26.80 -4.67
N GLN C 42 5.77 25.95 -3.75
CA GLN C 42 6.28 25.87 -2.38
C GLN C 42 6.82 24.46 -2.16
N ALA C 43 8.14 24.36 -1.96
CA ALA C 43 8.82 23.10 -1.72
C ALA C 43 8.34 22.47 -0.41
N PRO C 44 8.67 21.21 -0.11
CA PRO C 44 8.22 20.63 1.16
C PRO C 44 8.83 21.33 2.36
N GLY C 45 7.97 21.99 3.15
CA GLY C 45 8.41 22.71 4.33
C GLY C 45 9.43 23.80 4.06
N LYS C 46 9.24 24.57 3.00
CA LYS C 46 10.19 25.59 2.58
C LYS C 46 9.40 26.84 2.16
N GLY C 47 10.11 27.84 1.65
CA GLY C 47 9.51 29.10 1.31
C GLY C 47 8.75 29.08 -0.01
N LEU C 48 8.35 30.27 -0.44
CA LEU C 48 7.61 30.45 -1.68
C LEU C 48 8.54 30.81 -2.82
N GLU C 49 8.28 30.26 -4.00
CA GLU C 49 9.10 30.52 -5.18
C GLU C 49 8.19 30.75 -6.38
N TRP C 50 8.29 31.92 -6.99
CA TRP C 50 7.58 32.21 -8.22
C TRP C 50 8.17 31.37 -9.36
N VAL C 51 7.31 30.80 -10.20
CA VAL C 51 7.74 29.93 -11.28
C VAL C 51 7.34 30.45 -12.65
N ALA C 52 6.13 30.99 -12.80
CA ALA C 52 5.71 31.39 -14.14
C ALA C 52 4.63 32.46 -14.07
N SER C 53 4.49 33.21 -15.15
CA SER C 53 3.47 34.26 -15.24
C SER C 53 3.04 34.49 -16.68
N ILE C 54 1.77 34.83 -16.83
CA ILE C 54 1.17 35.26 -18.09
C ILE C 54 0.74 36.72 -17.91
N SER C 55 0.88 37.48 -18.99
CA SER C 55 0.55 38.89 -19.07
C SER C 55 -0.95 39.08 -19.30
N PRO C 56 -1.55 40.11 -18.70
CA PRO C 56 -2.95 40.42 -19.02
C PRO C 56 -3.11 40.85 -20.46
N TYR C 57 -4.32 40.69 -20.98
CA TYR C 57 -4.61 40.95 -22.39
C TYR C 57 -3.71 40.13 -23.30
N SER C 58 -2.58 40.74 -23.65
CA SER C 58 -1.56 40.14 -24.50
C SER C 58 -0.95 38.89 -23.88
N GLY C 59 -0.40 38.06 -24.77
CA GLY C 59 0.16 36.76 -24.45
C GLY C 59 1.64 36.73 -24.12
N TYR C 60 2.13 37.71 -23.37
CA TYR C 60 3.55 37.70 -23.05
C TYR C 60 3.78 36.69 -21.94
N THR C 61 4.83 35.89 -22.07
CA THR C 61 5.08 34.79 -21.16
C THR C 61 6.40 35.01 -20.43
N TYR C 62 6.36 34.92 -19.10
CA TYR C 62 7.57 35.11 -18.31
C TYR C 62 7.79 33.90 -17.41
N TYR C 63 9.05 33.46 -17.32
CA TYR C 63 9.41 32.27 -16.58
C TYR C 63 10.59 32.55 -15.68
N ALA C 64 10.67 31.80 -14.58
CA ALA C 64 11.83 31.85 -13.69
C ALA C 64 13.00 31.08 -14.30
N ASP C 65 14.21 31.54 -13.99
CA ASP C 65 15.40 30.92 -14.55
C ASP C 65 15.60 29.48 -14.08
N SER C 66 15.05 29.13 -12.92
CA SER C 66 15.10 27.75 -12.46
C SER C 66 14.25 26.83 -13.33
N VAL C 67 13.28 27.39 -14.05
CA VAL C 67 12.33 26.59 -14.81
C VAL C 67 12.35 26.87 -16.31
N LYS C 68 13.05 27.92 -16.75
CA LYS C 68 13.09 28.29 -18.16
C LYS C 68 13.58 27.15 -19.03
N GLY C 69 12.84 26.86 -20.11
CA GLY C 69 13.20 25.81 -21.03
C GLY C 69 12.54 24.47 -20.75
N ARG C 70 11.83 24.33 -19.63
CA ARG C 70 11.10 23.11 -19.34
C ARG C 70 9.62 23.32 -19.02
N PHE C 71 9.20 24.55 -18.73
CA PHE C 71 7.82 24.83 -18.39
C PHE C 71 7.24 25.78 -19.43
N THR C 72 5.96 25.63 -19.71
CA THR C 72 5.27 26.57 -20.60
C THR C 72 3.90 26.88 -20.01
N ILE C 73 3.62 28.18 -19.83
CA ILE C 73 2.33 28.66 -19.34
C ILE C 73 1.43 28.95 -20.53
N SER C 74 0.12 28.83 -20.31
CA SER C 74 -0.86 29.07 -21.37
C SER C 74 -2.19 29.40 -20.72
N ALA C 75 -3.16 29.82 -21.54
CA ALA C 75 -4.50 30.08 -21.02
C ALA C 75 -5.54 29.94 -22.12
N ASP C 76 -6.68 29.36 -21.75
CA ASP C 76 -7.86 29.27 -22.61
C ASP C 76 -8.91 30.26 -22.11
N THR C 77 -9.17 31.28 -22.94
CA THR C 77 -10.11 32.34 -22.58
C THR C 77 -11.55 31.86 -22.51
N SER C 78 -11.92 30.86 -23.32
CA SER C 78 -13.31 30.39 -23.35
C SER C 78 -13.73 29.83 -21.99
N LYS C 79 -13.10 28.74 -21.55
CA LYS C 79 -13.51 28.08 -20.33
C LYS C 79 -12.97 28.75 -19.08
N ASN C 80 -12.34 29.92 -19.23
CA ASN C 80 -11.72 30.65 -18.13
C ASN C 80 -10.71 29.74 -17.40
N THR C 81 -9.62 29.45 -18.11
CA THR C 81 -8.67 28.47 -17.63
C THR C 81 -7.25 28.91 -17.96
N ALA C 82 -6.31 28.47 -17.12
CA ALA C 82 -4.89 28.65 -17.34
C ALA C 82 -4.21 27.30 -17.14
N TYR C 83 -3.04 27.14 -17.75
CA TYR C 83 -2.36 25.85 -17.77
C TYR C 83 -0.86 26.03 -17.62
N LEU C 84 -0.23 24.97 -17.11
CA LEU C 84 1.20 24.94 -16.82
C LEU C 84 1.75 23.58 -17.23
N GLN C 85 2.61 23.56 -18.25
CA GLN C 85 3.22 22.33 -18.76
C GLN C 85 4.64 22.20 -18.21
N MET C 86 4.92 21.08 -17.55
CA MET C 86 6.21 20.82 -16.93
C MET C 86 6.85 19.61 -17.60
N ASN C 87 8.13 19.76 -17.95
CA ASN C 87 8.85 18.79 -18.77
C ASN C 87 10.25 18.61 -18.20
N SER C 88 10.91 17.53 -18.62
CA SER C 88 12.24 17.15 -18.12
C SER C 88 12.31 17.30 -16.60
N LEU C 89 11.30 16.74 -15.93
CA LEU C 89 11.11 17.01 -14.51
C LEU C 89 12.26 16.47 -13.68
N ARG C 90 12.66 17.25 -12.69
CA ARG C 90 13.72 16.89 -11.75
C ARG C 90 13.16 16.80 -10.34
N ALA C 91 13.96 16.23 -9.45
CA ALA C 91 13.54 16.06 -8.05
C ALA C 91 13.30 17.39 -7.36
N GLU C 92 14.08 18.42 -7.71
CA GLU C 92 13.94 19.72 -7.06
C GLU C 92 12.62 20.40 -7.39
N ASP C 93 11.87 19.91 -8.39
CA ASP C 93 10.58 20.47 -8.71
C ASP C 93 9.47 19.97 -7.79
N THR C 94 9.78 19.03 -6.89
CA THR C 94 8.81 18.56 -5.92
C THR C 94 8.31 19.71 -5.06
N ALA C 95 7.02 20.02 -5.18
CA ALA C 95 6.45 21.16 -4.47
C ALA C 95 4.93 21.13 -4.61
N VAL C 96 4.28 21.98 -3.81
CA VAL C 96 2.89 22.35 -4.04
C VAL C 96 2.87 23.49 -5.05
N TYR C 97 1.94 23.44 -5.99
CA TYR C 97 1.86 24.43 -7.08
C TYR C 97 0.55 25.21 -6.95
N TYR C 98 0.68 26.50 -6.67
CA TYR C 98 -0.43 27.44 -6.55
C TYR C 98 -0.60 28.26 -7.82
N CYS C 99 -1.84 28.66 -8.06
CA CYS C 99 -2.23 29.51 -9.17
C CYS C 99 -2.94 30.72 -8.57
N ALA C 100 -2.43 31.91 -8.86
CA ALA C 100 -2.95 33.12 -8.24
C ALA C 100 -3.00 34.24 -9.26
N ARG C 101 -3.96 35.13 -9.09
CA ARG C 101 -4.13 36.25 -10.00
C ARG C 101 -3.56 37.53 -9.39
N SER C 102 -3.10 38.42 -10.27
CA SER C 102 -2.81 39.80 -9.89
C SER C 102 -3.38 40.71 -10.97
N TYR C 103 -4.12 41.72 -10.55
CA TYR C 103 -4.73 42.64 -11.50
C TYR C 103 -3.67 43.50 -12.18
N GLY C 104 -3.88 43.78 -13.46
CA GLY C 104 -2.91 44.59 -14.15
C GLY C 104 -1.65 43.80 -14.40
N TRP C 105 -0.55 44.52 -14.57
CA TRP C 105 0.74 43.91 -14.81
C TRP C 105 1.76 44.38 -13.78
N ALA C 106 2.29 43.45 -13.00
CA ALA C 106 3.53 43.62 -12.24
C ALA C 106 3.51 44.86 -11.33
N THR C 107 2.34 45.24 -10.83
CA THR C 107 2.28 46.40 -9.94
C THR C 107 1.32 46.25 -8.76
N TYR C 108 0.66 45.11 -8.58
CA TYR C 108 -0.27 44.93 -7.48
C TYR C 108 -0.13 43.52 -6.91
N GLY C 109 -0.97 43.20 -5.94
CA GLY C 109 -0.77 42.02 -5.13
C GLY C 109 -1.55 40.81 -5.64
N LEU C 110 -0.99 39.64 -5.37
CA LEU C 110 -1.66 38.37 -5.63
C LEU C 110 -2.78 38.21 -4.61
N ASP C 111 -4.01 38.57 -5.00
CA ASP C 111 -5.09 38.64 -4.03
C ASP C 111 -5.71 37.26 -3.79
N TYR C 112 -6.26 36.64 -4.83
CA TYR C 112 -6.96 35.39 -4.71
C TYR C 112 -6.03 34.26 -5.13
N TRP C 113 -5.74 33.34 -4.21
CA TRP C 113 -4.95 32.16 -4.52
C TRP C 113 -5.85 30.95 -4.68
N GLY C 114 -5.26 29.86 -5.17
CA GLY C 114 -5.97 28.62 -5.31
C GLY C 114 -5.87 27.74 -4.08
N GLN C 115 -6.48 26.56 -4.17
CA GLN C 115 -6.37 25.58 -3.11
C GLN C 115 -4.96 24.99 -3.05
N GLY C 116 -4.39 24.70 -4.21
CA GLY C 116 -3.10 24.05 -4.31
C GLY C 116 -3.18 22.71 -5.03
N THR C 117 -2.00 22.17 -5.32
CA THR C 117 -1.89 20.83 -5.89
C THR C 117 -0.45 20.36 -5.70
N LEU C 118 -0.30 19.10 -5.26
CA LEU C 118 1.01 18.54 -4.97
C LEU C 118 1.55 17.82 -6.20
N VAL C 119 2.80 18.08 -6.53
CA VAL C 119 3.50 17.40 -7.63
C VAL C 119 4.71 16.73 -7.01
N THR C 120 4.64 15.41 -6.83
CA THR C 120 5.75 14.64 -6.31
C THR C 120 6.54 14.08 -7.48
N VAL C 121 7.85 14.31 -7.48
CA VAL C 121 8.73 13.85 -8.54
C VAL C 121 9.69 12.84 -7.90
N SER C 122 9.38 11.56 -8.03
CA SER C 122 10.20 10.51 -7.44
C SER C 122 10.25 9.30 -8.36
N SER C 123 11.38 8.61 -8.33
CA SER C 123 11.51 7.28 -8.95
C SER C 123 10.89 6.32 -7.96
N ALA C 124 9.57 6.32 -7.92
CA ALA C 124 8.82 5.86 -6.76
C ALA C 124 8.41 4.40 -6.83
N SER C 125 7.89 3.94 -5.70
CA SER C 125 7.26 2.63 -5.57
C SER C 125 6.26 2.76 -4.43
N THR C 126 4.97 2.67 -4.72
CA THR C 126 4.01 2.69 -3.62
C THR C 126 4.33 1.52 -2.70
N LYS C 127 4.56 1.81 -1.42
CA LYS C 127 5.05 0.79 -0.51
C LYS C 127 4.46 0.96 0.88
N GLY C 128 3.98 -0.14 1.45
CA GLY C 128 3.55 -0.17 2.83
C GLY C 128 4.73 -0.10 3.76
N PRO C 129 4.50 0.37 4.98
CA PRO C 129 5.60 0.54 5.93
C PRO C 129 5.82 -0.67 6.82
N SER C 130 6.97 -0.66 7.50
CA SER C 130 7.31 -1.65 8.51
C SER C 130 7.40 -0.94 9.86
N VAL C 131 6.52 -1.32 10.78
CA VAL C 131 6.36 -0.61 12.05
C VAL C 131 7.22 -1.29 13.10
N PHE C 132 8.07 -0.51 13.77
CA PHE C 132 8.96 -1.10 14.75
C PHE C 132 8.70 -0.49 16.13
N PRO C 133 8.89 -1.29 17.19
CA PRO C 133 8.62 -0.79 18.55
C PRO C 133 9.76 0.04 19.10
N LEU C 134 9.41 1.06 19.88
CA LEU C 134 10.36 1.88 20.62
C LEU C 134 10.35 1.41 22.07
N ALA C 135 11.42 0.73 22.48
CA ALA C 135 11.48 0.10 23.79
C ALA C 135 11.38 1.14 24.89
N PRO C 136 10.43 1.03 25.82
CA PRO C 136 10.45 1.91 26.98
C PRO C 136 11.66 1.57 27.86
N SER C 137 12.01 2.51 28.73
CA SER C 137 13.28 2.45 29.44
C SER C 137 13.05 1.86 30.82
N SER C 138 13.71 0.74 31.10
CA SER C 138 13.63 0.13 32.42
C SER C 138 14.18 1.07 33.47
N LYS C 139 15.41 1.55 33.28
CA LYS C 139 15.92 2.61 34.11
C LYS C 139 15.19 3.89 33.69
N SER C 140 14.11 4.22 34.40
CA SER C 140 13.35 5.42 34.10
C SER C 140 14.25 6.65 34.16
N THR C 141 14.52 7.23 32.98
CA THR C 141 15.47 8.34 32.87
C THR C 141 14.94 9.60 33.54
N SER C 142 13.75 10.04 33.15
CA SER C 142 13.12 11.20 33.75
C SER C 142 12.00 10.65 34.63
N GLY C 143 12.17 10.77 35.94
CA GLY C 143 11.26 10.11 36.85
C GLY C 143 9.82 10.54 36.62
N GLY C 144 8.91 9.72 37.13
CA GLY C 144 7.49 9.97 36.96
C GLY C 144 6.91 9.45 35.65
N THR C 145 7.65 9.61 34.54
CA THR C 145 7.12 9.36 33.22
C THR C 145 8.14 8.60 32.38
N ALA C 146 7.63 7.74 31.50
CA ALA C 146 8.45 7.03 30.53
C ALA C 146 7.79 7.12 29.17
N ALA C 147 8.61 7.09 28.12
CA ALA C 147 8.14 7.32 26.77
C ALA C 147 8.31 6.07 25.91
N LEU C 148 7.28 5.78 25.10
CA LEU C 148 7.31 4.65 24.20
C LEU C 148 6.64 5.08 22.90
N GLY C 149 6.93 4.37 21.82
CA GLY C 149 6.34 4.75 20.56
C GLY C 149 6.61 3.78 19.43
N CYS C 150 6.36 4.25 18.22
CA CYS C 150 6.51 3.45 17.02
C CYS C 150 7.42 4.16 16.03
N LEU C 151 8.01 3.35 15.15
CA LEU C 151 8.91 3.83 14.10
C LEU C 151 8.40 3.25 12.78
N VAL C 152 7.68 4.08 12.02
CA VAL C 152 7.23 3.74 10.68
C VAL C 152 8.38 4.04 9.72
N LYS C 153 9.03 2.99 9.21
CA LYS C 153 10.40 3.11 8.72
C LYS C 153 10.53 3.35 7.22
N ASP C 154 9.82 2.60 6.37
CA ASP C 154 10.03 2.68 4.93
C ASP C 154 8.70 2.61 4.20
N TYR C 155 8.27 3.74 3.63
CA TYR C 155 7.01 3.78 2.92
C TYR C 155 7.02 4.92 1.90
N PHE C 156 6.01 4.89 1.03
CA PHE C 156 5.78 5.86 -0.04
C PHE C 156 4.41 5.56 -0.62
N PRO C 157 3.58 6.57 -0.91
CA PRO C 157 3.76 8.01 -0.67
C PRO C 157 3.04 8.44 0.60
N GLU C 158 2.87 9.74 0.76
CA GLU C 158 2.21 10.33 1.91
C GLU C 158 0.70 10.23 1.71
N PRO C 159 -0.11 10.22 2.78
CA PRO C 159 0.24 10.28 4.20
C PRO C 159 0.14 8.94 4.92
N VAL C 160 0.67 8.87 6.13
CA VAL C 160 0.37 7.80 7.09
C VAL C 160 -0.29 8.43 8.31
N THR C 161 -1.19 7.67 8.94
CA THR C 161 -1.85 8.10 10.16
C THR C 161 -1.49 7.12 11.26
N VAL C 162 -0.95 7.63 12.36
CA VAL C 162 -0.59 6.81 13.52
C VAL C 162 -1.51 7.21 14.67
N SER C 163 -2.34 6.28 15.10
CA SER C 163 -3.13 6.45 16.32
C SER C 163 -2.64 5.49 17.39
N TRP C 164 -3.13 5.69 18.61
CA TRP C 164 -2.64 4.96 19.76
C TRP C 164 -3.79 4.30 20.50
N ASN C 165 -3.68 2.99 20.71
CA ASN C 165 -4.71 2.18 21.37
C ASN C 165 -6.08 2.46 20.77
N SER C 166 -6.13 2.55 19.45
CA SER C 166 -7.38 2.81 18.71
C SER C 166 -8.02 4.13 19.12
N GLY C 167 -7.20 5.11 19.49
CA GLY C 167 -7.68 6.44 19.80
C GLY C 167 -7.93 6.70 21.27
N ALA C 168 -7.81 5.68 22.14
CA ALA C 168 -8.01 5.90 23.57
C ALA C 168 -6.90 6.75 24.16
N LEU C 169 -5.64 6.39 23.87
CA LEU C 169 -4.49 7.16 24.34
C LEU C 169 -4.26 8.33 23.39
N THR C 170 -4.64 9.53 23.82
CA THR C 170 -4.44 10.74 23.04
C THR C 170 -3.55 11.77 23.71
N SER C 171 -3.62 11.89 25.04
CA SER C 171 -2.83 12.89 25.75
C SER C 171 -1.39 12.41 25.88
N GLY C 172 -0.46 13.21 25.35
CA GLY C 172 0.94 12.86 25.39
C GLY C 172 1.50 12.34 24.09
N VAL C 173 0.66 12.10 23.08
CA VAL C 173 1.14 11.56 21.81
C VAL C 173 1.72 12.71 20.99
N HIS C 174 2.90 12.46 20.42
CA HIS C 174 3.54 13.37 19.48
C HIS C 174 3.84 12.54 18.23
N THR C 175 3.04 12.75 17.18
CA THR C 175 3.29 12.18 15.87
C THR C 175 4.13 13.17 15.08
N PHE C 176 5.39 12.85 14.88
CA PHE C 176 6.33 13.78 14.30
C PHE C 176 6.18 13.86 12.77
N PRO C 177 6.59 14.98 12.18
CA PRO C 177 6.60 15.06 10.71
C PRO C 177 7.56 14.06 10.10
N ALA C 178 7.19 13.57 8.92
CA ALA C 178 7.96 12.53 8.26
C ALA C 178 9.21 13.12 7.60
N VAL C 179 10.28 12.33 7.57
CA VAL C 179 11.54 12.71 6.95
C VAL C 179 11.86 11.71 5.85
N LEU C 180 12.12 12.23 4.65
CA LEU C 180 12.49 11.41 3.50
C LEU C 180 13.99 11.09 3.55
N GLN C 181 14.32 9.82 3.37
CA GLN C 181 15.71 9.36 3.50
C GLN C 181 16.39 9.35 2.13
N SER C 182 17.62 8.82 2.09
CA SER C 182 18.33 8.67 0.83
C SER C 182 17.91 7.39 0.12
N SER C 183 16.61 7.16 0.06
CA SER C 183 16.04 6.03 -0.67
C SER C 183 14.78 6.41 -1.44
N GLY C 184 14.23 7.60 -1.21
CA GLY C 184 12.92 7.95 -1.73
C GLY C 184 11.77 7.51 -0.85
N LEU C 185 12.05 6.95 0.32
CA LEU C 185 11.03 6.48 1.23
C LEU C 185 11.05 7.30 2.52
N TYR C 186 9.87 7.56 3.07
CA TYR C 186 9.75 8.36 4.28
C TYR C 186 9.97 7.49 5.52
N SER C 187 10.15 8.17 6.65
CA SER C 187 10.33 7.51 7.94
C SER C 187 9.86 8.48 9.03
N LEU C 188 8.94 8.04 9.86
CA LEU C 188 8.50 8.85 10.99
C LEU C 188 8.52 8.02 12.26
N SER C 189 8.39 8.72 13.38
CA SER C 189 8.20 8.10 14.67
C SER C 189 7.02 8.78 15.34
N SER C 190 6.36 8.03 16.22
CA SER C 190 5.24 8.56 17.00
C SER C 190 5.46 8.13 18.44
N VAL C 191 5.73 9.09 19.31
CA VAL C 191 6.05 8.79 20.70
C VAL C 191 4.89 9.22 21.58
N VAL C 192 4.86 8.69 22.79
CA VAL C 192 3.91 9.11 23.80
C VAL C 192 4.51 8.86 25.17
N THR C 193 4.34 9.83 26.05
CA THR C 193 4.79 9.72 27.44
C THR C 193 3.64 9.25 28.31
N VAL C 194 3.89 8.23 29.12
CA VAL C 194 2.88 7.67 30.01
C VAL C 194 3.50 7.54 31.40
N PRO C 195 2.66 7.48 32.44
CA PRO C 195 3.21 7.29 33.79
C PRO C 195 4.03 6.02 33.89
N SER C 196 5.13 6.11 34.65
CA SER C 196 6.01 4.95 34.82
C SER C 196 5.33 3.80 35.54
N SER C 197 4.32 4.10 36.37
CA SER C 197 3.59 3.03 37.06
C SER C 197 2.73 2.22 36.10
N SER C 198 1.98 2.88 35.24
CA SER C 198 1.05 2.20 34.34
C SER C 198 1.73 1.35 33.25
N LEU C 199 3.06 1.17 33.28
CA LEU C 199 3.74 0.43 32.22
C LEU C 199 3.40 -1.06 32.26
N GLY C 200 3.41 -1.66 33.45
CA GLY C 200 3.16 -3.10 33.53
C GLY C 200 1.70 -3.49 33.47
N THR C 201 0.80 -2.60 33.89
CA THR C 201 -0.62 -2.91 33.84
C THR C 201 -1.18 -2.71 32.44
N GLN C 202 -0.90 -1.56 31.83
CA GLN C 202 -1.46 -1.18 30.55
C GLN C 202 -0.46 -1.42 29.42
N THR C 203 -0.90 -2.13 28.39
CA THR C 203 -0.09 -2.40 27.20
C THR C 203 -0.59 -1.53 26.06
N TYR C 204 0.34 -0.83 25.40
CA TYR C 204 -0.01 0.14 24.39
C TYR C 204 0.26 -0.40 23.00
N ILE C 205 -0.62 -0.08 22.05
CA ILE C 205 -0.54 -0.55 20.68
C ILE C 205 -0.67 0.63 19.73
N CYS C 206 0.12 0.61 18.66
CA CYS C 206 0.01 1.59 17.59
C CYS C 206 -0.89 1.06 16.48
N ASN C 207 -1.71 1.94 15.94
CA ASN C 207 -2.51 1.67 14.75
C ASN C 207 -1.96 2.61 13.68
N VAL C 208 -0.99 2.09 12.93
CA VAL C 208 -0.49 2.75 11.74
C VAL C 208 -1.43 2.45 10.58
N ASN C 209 -1.63 3.41 9.71
CA ASN C 209 -2.53 3.25 8.57
C ASN C 209 -1.95 4.00 7.39
N HIS C 210 -1.88 3.32 6.25
CA HIS C 210 -1.29 3.86 5.02
C HIS C 210 -2.32 3.60 3.93
N LYS C 211 -3.27 4.53 3.80
CA LYS C 211 -4.34 4.36 2.82
C LYS C 211 -3.87 4.21 1.38
N PRO C 212 -2.88 4.96 0.88
CA PRO C 212 -2.47 4.77 -0.53
C PRO C 212 -2.05 3.35 -0.87
N SER C 213 -1.39 2.64 0.04
CA SER C 213 -1.01 1.26 -0.21
C SER C 213 -1.93 0.26 0.49
N ASN C 214 -3.03 0.72 1.08
CA ASN C 214 -4.00 -0.13 1.76
C ASN C 214 -3.30 -1.09 2.74
N THR C 215 -2.35 -0.56 3.50
CA THR C 215 -1.67 -1.30 4.55
C THR C 215 -2.23 -0.88 5.90
N LYS C 216 -2.37 -1.85 6.81
CA LYS C 216 -2.95 -1.53 8.13
C LYS C 216 -2.25 -2.39 9.19
N VAL C 217 -1.08 -1.95 9.62
CA VAL C 217 -0.31 -2.66 10.65
C VAL C 217 -0.73 -2.14 12.02
N ASP C 218 -0.86 -3.05 12.98
CA ASP C 218 -1.10 -2.71 14.38
C ASP C 218 -0.06 -3.44 15.21
N LYS C 219 0.69 -2.70 16.02
CA LYS C 219 1.83 -3.30 16.73
C LYS C 219 1.83 -2.90 18.20
N LYS C 220 2.03 -3.90 19.06
CA LYS C 220 2.11 -3.69 20.50
C LYS C 220 3.54 -3.36 20.91
N VAL C 221 3.68 -2.39 21.82
CA VAL C 221 4.99 -1.96 22.29
C VAL C 221 5.10 -2.31 23.78
N GLU C 222 5.97 -3.26 24.10
CA GLU C 222 6.22 -3.70 25.45
C GLU C 222 7.71 -3.72 25.73
N PRO C 223 8.11 -3.56 26.98
CA PRO C 223 9.55 -3.59 27.31
C PRO C 223 10.12 -4.99 27.14
N LYS C 224 11.43 -5.03 26.90
CA LYS C 224 12.14 -6.30 26.75
C LYS C 224 12.90 -6.65 28.02
N ASP D 2 21.13 39.54 -8.81
CA ASP D 2 19.67 39.52 -8.96
C ASP D 2 18.97 40.23 -7.83
N ILE D 3 17.71 40.61 -8.09
CA ILE D 3 16.94 41.28 -7.06
C ILE D 3 16.73 40.26 -5.96
N GLN D 4 16.87 40.72 -4.72
CA GLN D 4 16.75 39.78 -3.62
C GLN D 4 16.19 40.53 -2.43
N MET D 5 15.15 39.95 -1.84
CA MET D 5 14.62 40.45 -0.60
C MET D 5 15.25 39.71 0.55
N THR D 6 15.64 40.45 1.57
CA THR D 6 16.17 39.88 2.80
C THR D 6 15.16 40.17 3.90
N GLN D 7 14.46 39.13 4.34
CA GLN D 7 13.42 39.26 5.35
C GLN D 7 14.00 38.87 6.71
N SER D 8 13.71 39.68 7.72
CA SER D 8 14.20 39.50 9.07
C SER D 8 13.13 39.95 10.07
N PRO D 9 13.02 39.28 11.21
CA PRO D 9 13.83 38.12 11.64
C PRO D 9 13.34 36.80 11.04
N SER D 10 14.19 35.77 11.03
CA SER D 10 13.76 34.46 10.56
C SER D 10 12.53 33.99 11.34
N SER D 11 12.56 34.15 12.66
CA SER D 11 11.41 33.92 13.51
C SER D 11 11.50 34.84 14.73
N LEU D 12 10.34 35.25 15.24
CA LEU D 12 10.28 35.95 16.50
C LEU D 12 9.17 35.34 17.33
N SER D 13 9.32 35.40 18.64
CA SER D 13 8.34 34.89 19.58
C SER D 13 7.69 36.08 20.28
N ALA D 14 6.36 36.09 20.34
CA ALA D 14 5.63 37.23 20.86
C ALA D 14 4.38 36.74 21.59
N SER D 15 3.92 37.57 22.51
CA SER D 15 2.76 37.29 23.33
C SER D 15 1.54 38.04 22.82
N VAL D 16 0.36 37.51 23.14
CA VAL D 16 -0.88 38.11 22.66
C VAL D 16 -0.99 39.51 23.24
N GLY D 17 -1.06 40.52 22.35
CA GLY D 17 -1.10 41.92 22.74
C GLY D 17 0.10 42.76 22.34
N ASP D 18 1.21 42.15 21.92
CA ASP D 18 2.39 42.90 21.54
C ASP D 18 2.19 43.54 20.16
N ARG D 19 3.02 44.53 19.87
CA ARG D 19 3.10 45.14 18.53
C ARG D 19 4.36 44.58 17.87
N VAL D 20 4.18 43.82 16.79
CA VAL D 20 5.27 43.07 16.16
C VAL D 20 5.60 43.72 14.83
N THR D 21 6.90 43.85 14.55
CA THR D 21 7.38 44.49 13.33
C THR D 21 8.32 43.53 12.60
N ILE D 22 7.98 43.21 11.35
CA ILE D 22 8.82 42.39 10.48
C ILE D 22 9.32 43.27 9.35
N THR D 23 10.62 43.21 9.05
CA THR D 23 11.20 44.04 8.02
C THR D 23 11.78 43.17 6.92
N CYS D 24 11.75 43.68 5.69
CA CYS D 24 12.48 43.03 4.61
C CYS D 24 13.00 44.11 3.67
N ARG D 25 14.17 43.83 3.10
CA ARG D 25 14.96 44.83 2.39
C ARG D 25 15.19 44.37 0.96
N ALA D 26 14.90 45.25 0.00
CA ALA D 26 15.20 44.98 -1.40
C ALA D 26 16.68 45.26 -1.66
N SER D 27 17.31 44.39 -2.45
CA SER D 27 18.74 44.54 -2.71
C SER D 27 19.05 45.75 -3.59
N GLN D 28 18.06 46.35 -4.22
CA GLN D 28 18.26 47.54 -5.03
C GLN D 28 16.95 48.31 -5.10
N SER D 29 17.06 49.63 -5.20
CA SER D 29 15.88 50.50 -5.28
C SER D 29 15.34 50.44 -6.70
N VAL D 30 14.42 49.50 -6.94
CA VAL D 30 13.86 49.32 -8.27
C VAL D 30 12.34 49.29 -8.28
N SER D 31 11.67 48.94 -7.19
CA SER D 31 10.21 48.80 -7.23
C SER D 31 9.61 49.08 -5.87
N SER D 32 8.53 49.87 -5.86
CA SER D 32 7.71 50.07 -4.68
C SER D 32 6.55 49.10 -4.61
N ALA D 33 6.44 48.17 -5.57
CA ALA D 33 5.32 47.24 -5.64
C ALA D 33 5.61 46.03 -4.76
N VAL D 34 5.48 46.24 -3.45
CA VAL D 34 5.73 45.22 -2.44
C VAL D 34 4.42 44.90 -1.74
N ALA D 35 4.20 43.61 -1.51
CA ALA D 35 3.00 43.08 -0.89
C ALA D 35 3.39 42.21 0.30
N TRP D 36 2.45 42.08 1.24
CA TRP D 36 2.62 41.28 2.45
C TRP D 36 1.52 40.24 2.52
N TYR D 37 1.92 38.98 2.79
CA TYR D 37 1.05 37.82 2.85
C TYR D 37 1.20 37.10 4.18
N GLN D 38 0.09 36.58 4.69
CA GLN D 38 0.06 35.71 5.87
C GLN D 38 -0.37 34.31 5.44
N GLN D 39 0.37 33.31 5.89
CA GLN D 39 0.06 31.91 5.57
C GLN D 39 0.14 31.09 6.84
N LYS D 40 -0.97 30.42 7.18
CA LYS D 40 -1.15 29.46 8.26
C LYS D 40 -0.94 28.05 7.72
N PRO D 41 -0.32 27.16 8.51
CA PRO D 41 0.14 25.87 7.97
C PRO D 41 -1.01 25.05 7.39
N GLY D 42 -0.72 24.39 6.27
CA GLY D 42 -1.70 23.58 5.58
C GLY D 42 -2.63 24.33 4.66
N LYS D 43 -2.57 25.66 4.66
CA LYS D 43 -3.45 26.49 3.83
C LYS D 43 -2.62 27.27 2.82
N ALA D 44 -3.31 28.08 2.03
CA ALA D 44 -2.91 28.99 0.97
C ALA D 44 -2.63 30.37 1.55
N PRO D 45 -1.58 31.06 1.11
CA PRO D 45 -1.31 32.40 1.65
C PRO D 45 -2.43 33.36 1.32
N LYS D 46 -2.71 34.26 2.26
CA LYS D 46 -3.69 35.32 2.07
C LYS D 46 -2.96 36.66 1.91
N LEU D 47 -3.53 37.54 1.11
CA LEU D 47 -2.96 38.86 0.91
C LEU D 47 -3.34 39.80 2.05
N LEU D 48 -2.33 40.45 2.63
CA LEU D 48 -2.52 41.46 3.66
C LEU D 48 -2.35 42.87 3.11
N ILE D 49 -1.25 43.12 2.42
CA ILE D 49 -0.91 44.47 1.98
C ILE D 49 -0.57 44.37 0.50
N TYR D 50 -1.22 45.18 -0.35
CA TYR D 50 -0.99 45.11 -1.80
C TYR D 50 -0.03 46.16 -2.33
N SER D 51 -0.33 47.44 -2.14
CA SER D 51 0.73 48.41 -2.40
C SER D 51 1.70 48.36 -1.23
N ALA D 52 2.75 49.18 -1.27
CA ALA D 52 3.74 49.09 -0.19
C ALA D 52 3.16 49.43 1.18
N SER D 53 2.00 50.09 1.25
CA SER D 53 1.41 50.44 2.54
C SER D 53 -0.11 50.34 2.57
N SER D 54 -0.76 49.87 1.51
CA SER D 54 -2.21 49.94 1.41
C SER D 54 -2.85 48.69 2.03
N LEU D 55 -3.83 48.91 2.90
CA LEU D 55 -4.53 47.82 3.57
C LEU D 55 -5.49 47.16 2.60
N TYR D 56 -5.38 45.84 2.47
CA TYR D 56 -6.24 45.12 1.54
C TYR D 56 -7.61 44.90 2.16
N SER D 57 -8.58 44.65 1.30
CA SER D 57 -9.96 44.50 1.72
C SER D 57 -10.15 43.35 2.70
N GLY D 58 -10.99 43.58 3.71
CA GLY D 58 -11.36 42.54 4.65
C GLY D 58 -10.23 42.06 5.51
N VAL D 59 -9.13 42.79 5.57
CA VAL D 59 -8.02 42.49 6.46
C VAL D 59 -8.25 43.33 7.71
N PRO D 60 -7.98 42.81 8.91
CA PRO D 60 -8.18 43.61 10.12
C PRO D 60 -7.29 44.84 10.13
N SER D 61 -7.69 45.82 10.92
CA SER D 61 -7.03 47.12 10.94
C SER D 61 -5.70 47.10 11.67
N ARG D 62 -5.38 46.01 12.37
CA ARG D 62 -4.12 45.97 13.10
C ARG D 62 -2.90 45.82 12.20
N PHE D 63 -3.09 45.43 10.94
CA PHE D 63 -1.99 45.28 10.01
C PHE D 63 -1.68 46.59 9.31
N SER D 64 -0.39 46.91 9.21
CA SER D 64 0.04 48.16 8.62
C SER D 64 1.30 47.92 7.81
N GLY D 65 1.47 48.69 6.73
CA GLY D 65 2.69 48.63 5.95
C GLY D 65 3.40 49.97 5.92
N SER D 66 4.72 49.94 5.68
CA SER D 66 5.48 51.19 5.71
C SER D 66 6.78 51.01 4.94
N ARG D 67 7.20 52.08 4.26
CA ARG D 67 8.38 52.07 3.40
C ARG D 67 9.35 53.19 3.75
N SER D 68 10.64 52.86 3.76
CA SER D 68 11.74 53.82 3.93
C SER D 68 12.86 53.35 3.00
N GLY D 69 12.87 53.89 1.78
CA GLY D 69 13.91 53.56 0.84
C GLY D 69 13.81 52.14 0.32
N THR D 70 14.83 51.33 0.61
CA THR D 70 14.82 49.91 0.30
C THR D 70 14.35 49.07 1.49
N ASP D 71 13.69 49.68 2.46
CA ASP D 71 13.23 48.99 3.66
C ASP D 71 11.71 48.96 3.68
N PHE D 72 11.13 47.77 3.79
CA PHE D 72 9.68 47.61 3.91
C PHE D 72 9.35 46.92 5.23
N THR D 73 8.27 47.37 5.88
CA THR D 73 7.96 46.94 7.23
C THR D 73 6.47 46.63 7.36
N LEU D 74 6.17 45.43 7.85
CA LEU D 74 4.83 45.00 8.24
C LEU D 74 4.69 45.08 9.75
N THR D 75 3.56 45.62 10.22
CA THR D 75 3.40 45.91 11.63
C THR D 75 2.02 45.50 12.15
N ILE D 76 1.98 44.71 13.22
CA ILE D 76 0.74 44.33 13.92
C ILE D 76 0.66 45.01 15.29
N SER D 77 -0.46 45.74 15.53
CA SER D 77 -0.60 46.59 16.71
C SER D 77 -0.74 45.77 18.00
N SER D 78 -1.79 44.97 18.13
CA SER D 78 -1.99 44.15 19.31
C SER D 78 -2.16 42.74 18.78
N LEU D 79 -1.18 41.88 19.05
CA LEU D 79 -1.20 40.57 18.43
C LEU D 79 -2.40 39.80 18.94
N GLN D 80 -3.21 39.35 18.01
CA GLN D 80 -4.31 38.50 18.40
C GLN D 80 -3.90 37.04 18.23
N PRO D 81 -4.63 36.10 18.85
CA PRO D 81 -4.29 34.68 18.64
C PRO D 81 -4.32 34.27 17.17
N GLU D 82 -5.23 34.83 16.38
CA GLU D 82 -5.42 34.42 14.99
C GLU D 82 -4.33 34.94 14.05
N ASP D 83 -3.29 35.59 14.59
CA ASP D 83 -2.23 36.16 13.77
C ASP D 83 -0.92 35.37 13.86
N PHE D 84 -0.92 34.23 14.53
CA PHE D 84 0.26 33.37 14.58
C PHE D 84 0.33 32.53 13.31
N ALA D 85 1.33 32.80 12.48
CA ALA D 85 1.45 32.18 11.17
C ALA D 85 2.86 32.50 10.64
N THR D 86 3.08 32.20 9.37
CA THR D 86 4.28 32.63 8.67
C THR D 86 3.93 33.83 7.80
N TYR D 87 4.85 34.78 7.72
CA TYR D 87 4.62 36.01 6.97
C TYR D 87 5.67 36.14 5.87
N TYR D 88 5.22 36.52 4.68
CA TYR D 88 6.07 36.64 3.51
C TYR D 88 5.90 38.03 2.88
N CYS D 89 7.02 38.66 2.54
CA CYS D 89 7.00 39.87 1.73
C CYS D 89 7.37 39.52 0.30
N GLN D 90 6.84 40.30 -0.65
CA GLN D 90 6.97 39.98 -2.06
C GLN D 90 7.09 41.27 -2.86
N GLN D 91 7.92 41.23 -3.91
CA GLN D 91 8.17 42.37 -4.77
C GLN D 91 7.95 42.01 -6.23
N HIS D 92 7.54 43.02 -7.00
CA HIS D 92 7.25 42.95 -8.43
C HIS D 92 8.29 43.78 -9.18
N PHE D 93 9.40 43.17 -9.56
CA PHE D 93 10.32 43.83 -10.49
C PHE D 93 9.96 43.34 -11.89
N TRP D 94 8.85 43.90 -12.40
CA TRP D 94 8.25 43.44 -13.65
C TRP D 94 7.96 41.94 -13.60
N GLU D 95 8.74 41.14 -14.34
CA GLU D 95 8.52 39.71 -14.31
C GLU D 95 9.04 39.08 -13.02
N LEU D 96 10.08 39.65 -12.43
CA LEU D 96 10.72 39.04 -11.27
C LEU D 96 9.82 39.23 -10.04
N ILE D 97 9.04 38.20 -9.74
CA ILE D 97 8.27 38.15 -8.51
C ILE D 97 9.15 37.48 -7.46
N THR D 98 9.53 38.22 -6.42
CA THR D 98 10.49 37.73 -5.44
C THR D 98 9.87 37.75 -4.05
N PHE D 99 10.04 36.65 -3.31
CA PHE D 99 9.53 36.53 -1.95
C PHE D 99 10.67 36.59 -0.93
N GLY D 100 10.36 37.14 0.23
CA GLY D 100 11.25 37.02 1.37
C GLY D 100 11.26 35.61 1.93
N GLN D 101 12.30 35.32 2.70
CA GLN D 101 12.50 33.96 3.20
C GLN D 101 11.43 33.55 4.21
N GLY D 102 10.73 34.51 4.80
CA GLY D 102 9.63 34.21 5.69
C GLY D 102 9.95 34.56 7.14
N THR D 103 8.90 34.78 7.90
CA THR D 103 9.01 35.03 9.33
C THR D 103 7.95 34.21 10.05
N LYS D 104 8.36 33.34 10.97
CA LYS D 104 7.44 32.54 11.75
C LYS D 104 7.15 33.26 13.06
N VAL D 105 5.87 33.52 13.32
CA VAL D 105 5.44 34.19 14.54
C VAL D 105 4.89 33.13 15.47
N GLU D 106 5.56 32.95 16.60
CA GLU D 106 5.24 31.88 17.53
C GLU D 106 4.88 32.46 18.90
N ILE D 107 4.37 31.57 19.76
CA ILE D 107 3.83 31.97 21.06
C ILE D 107 4.96 32.03 22.07
N LYS D 108 5.02 33.14 22.81
CA LYS D 108 6.02 33.31 23.84
C LYS D 108 5.65 32.45 25.05
N ARG D 109 6.66 31.84 25.66
CA ARG D 109 6.43 30.91 26.77
C ARG D 109 7.69 30.83 27.60
N THR D 110 7.56 30.23 28.78
CA THR D 110 8.68 30.10 29.69
C THR D 110 9.68 29.08 29.16
N VAL D 111 10.97 29.35 29.37
CA VAL D 111 11.99 28.36 29.04
C VAL D 111 11.71 27.05 29.75
N ALA D 112 11.98 25.94 29.06
CA ALA D 112 11.69 24.62 29.61
C ALA D 112 12.61 23.62 28.92
N ALA D 113 13.53 23.02 29.69
CA ALA D 113 14.44 22.04 29.13
C ALA D 113 13.69 20.79 28.68
N PRO D 114 14.20 20.09 27.67
CA PRO D 114 13.55 18.86 27.21
C PRO D 114 13.80 17.67 28.12
N SER D 115 12.90 16.70 28.04
CA SER D 115 13.16 15.38 28.58
C SER D 115 13.77 14.53 27.47
N VAL D 116 14.88 13.85 27.78
CA VAL D 116 15.70 13.20 26.77
C VAL D 116 15.63 11.70 26.97
N PHE D 117 15.27 10.96 25.92
CA PHE D 117 15.16 9.51 25.98
C PHE D 117 15.91 8.87 24.83
N ILE D 118 16.77 7.90 25.16
CA ILE D 118 17.47 7.10 24.17
C ILE D 118 16.60 5.90 23.78
N PHE D 119 16.86 5.36 22.60
CA PHE D 119 16.13 4.20 22.08
C PHE D 119 17.05 3.34 21.23
N PRO D 120 17.24 2.08 21.60
CA PRO D 120 18.02 1.16 20.79
C PRO D 120 17.22 0.70 19.59
N PRO D 121 17.88 0.19 18.55
CA PRO D 121 17.13 -0.35 17.42
C PRO D 121 16.24 -1.49 17.87
N SER D 122 15.09 -1.61 17.22
CA SER D 122 14.14 -2.64 17.64
C SER D 122 14.74 -4.01 17.42
N ASP D 123 14.32 -4.96 18.27
CA ASP D 123 14.86 -6.31 18.17
C ASP D 123 14.48 -6.95 16.84
N SER D 124 13.31 -6.57 16.30
CA SER D 124 12.90 -6.99 14.96
C SER D 124 13.77 -6.37 13.86
N GLN D 125 14.29 -5.17 14.07
CA GLN D 125 14.99 -4.47 12.99
C GLN D 125 16.33 -5.11 12.65
N LEU D 126 16.98 -5.77 13.61
CA LEU D 126 18.27 -6.38 13.30
C LEU D 126 18.11 -7.59 12.40
N LYS D 127 16.89 -8.10 12.26
CA LYS D 127 16.51 -9.12 11.29
C LYS D 127 15.99 -8.52 9.99
N SER D 128 16.38 -7.27 9.70
CA SER D 128 16.15 -6.70 8.37
C SER D 128 17.37 -6.04 7.76
N GLY D 129 18.53 -6.03 8.43
CA GLY D 129 19.73 -5.40 7.92
C GLY D 129 19.92 -3.96 8.33
N THR D 130 18.84 -3.25 8.65
CA THR D 130 18.89 -1.86 9.07
C THR D 130 18.90 -1.78 10.61
N ALA D 131 19.41 -0.66 11.11
CA ALA D 131 19.38 -0.35 12.53
C ALA D 131 19.02 1.11 12.70
N SER D 132 18.07 1.40 13.59
CA SER D 132 17.61 2.78 13.79
C SER D 132 17.65 3.11 15.29
N VAL D 133 18.58 3.99 15.67
CA VAL D 133 18.70 4.46 17.05
C VAL D 133 17.96 5.79 17.16
N VAL D 134 17.08 5.90 18.15
CA VAL D 134 16.14 7.02 18.21
C VAL D 134 16.41 7.84 19.47
N CYS D 135 16.48 9.17 19.32
CA CYS D 135 16.68 10.08 20.44
C CYS D 135 15.50 11.05 20.48
N LEU D 136 14.80 11.10 21.61
CA LEU D 136 13.60 11.90 21.75
C LEU D 136 13.83 13.03 22.74
N LEU D 137 13.46 14.25 22.34
CA LEU D 137 13.53 15.45 23.18
C LEU D 137 12.11 15.96 23.31
N ASN D 138 11.49 15.75 24.47
CA ASN D 138 10.08 16.03 24.65
C ASN D 138 9.87 17.30 25.45
N ASN D 139 8.87 18.08 25.04
CA ASN D 139 8.34 19.23 25.79
C ASN D 139 9.44 20.20 26.20
N PHE D 140 10.02 20.86 25.19
CA PHE D 140 11.01 21.90 25.42
C PHE D 140 10.62 23.19 24.69
N TYR D 141 11.30 24.28 25.09
CA TYR D 141 11.16 25.62 24.54
C TYR D 141 12.38 26.41 24.97
N PRO D 142 12.97 27.23 24.10
CA PRO D 142 12.60 27.49 22.70
C PRO D 142 13.01 26.38 21.74
N ARG D 143 12.90 26.63 20.43
CA ARG D 143 13.10 25.59 19.44
C ARG D 143 14.57 25.21 19.26
N GLU D 144 15.48 26.15 19.49
CA GLU D 144 16.90 25.93 19.21
C GLU D 144 17.46 24.80 20.07
N ALA D 145 17.76 23.67 19.44
CA ALA D 145 18.24 22.49 20.14
C ALA D 145 19.33 21.84 19.29
N LYS D 146 20.30 21.20 19.95
CA LYS D 146 21.40 20.55 19.25
C LYS D 146 21.53 19.11 19.74
N VAL D 147 21.22 18.17 18.85
CA VAL D 147 21.42 16.75 19.10
C VAL D 147 22.76 16.35 18.50
N GLN D 148 23.56 15.62 19.26
CA GLN D 148 24.91 15.24 18.87
C GLN D 148 25.01 13.73 19.09
N TRP D 149 25.31 12.99 18.04
CA TRP D 149 25.36 11.53 18.12
C TRP D 149 26.79 11.08 18.39
N LYS D 150 26.98 10.32 19.47
CA LYS D 150 28.30 9.86 19.89
C LYS D 150 28.33 8.33 19.87
N VAL D 151 29.02 7.79 18.87
CA VAL D 151 29.31 6.37 18.78
C VAL D 151 30.76 6.19 19.22
N ASP D 152 30.97 5.63 20.41
CA ASP D 152 32.30 5.44 20.98
C ASP D 152 33.06 6.77 21.07
N ASN D 153 32.36 7.80 21.57
CA ASN D 153 32.90 9.15 21.70
C ASN D 153 33.40 9.70 20.36
N ALA D 154 32.54 9.62 19.34
CA ALA D 154 32.83 10.18 18.04
C ALA D 154 31.55 10.71 17.42
N LEU D 155 31.65 11.90 16.82
CA LEU D 155 30.51 12.50 16.13
C LEU D 155 30.13 11.70 14.89
N GLN D 156 28.86 11.82 14.51
CA GLN D 156 28.30 11.17 13.34
C GLN D 156 27.55 12.22 12.54
N SER D 157 27.86 12.29 11.25
CA SER D 157 27.23 13.23 10.33
C SER D 157 26.78 12.47 9.09
N GLY D 158 25.76 13.02 8.42
CA GLY D 158 25.22 12.42 7.23
C GLY D 158 24.18 11.34 7.48
N ASN D 159 24.24 10.66 8.62
CA ASN D 159 23.36 9.55 8.92
C ASN D 159 22.36 9.87 10.01
N SER D 160 22.23 11.13 10.39
CA SER D 160 21.29 11.57 11.40
C SER D 160 20.25 12.46 10.76
N GLN D 161 18.97 12.18 11.03
CA GLN D 161 17.88 13.03 10.56
C GLN D 161 17.02 13.40 11.75
N GLU D 162 16.69 14.68 11.87
CA GLU D 162 15.81 15.12 12.93
C GLU D 162 14.51 15.68 12.35
N SER D 163 13.44 15.49 13.10
CA SER D 163 12.16 16.12 12.82
C SER D 163 11.70 16.86 14.06
N VAL D 164 10.94 17.92 13.85
CA VAL D 164 10.52 18.81 14.92
C VAL D 164 9.03 19.07 14.79
N THR D 165 8.32 19.01 15.91
CA THR D 165 6.88 19.18 15.91
C THR D 165 6.49 20.65 15.78
N GLU D 166 5.25 20.87 15.38
CA GLU D 166 4.66 22.20 15.50
C GLU D 166 4.47 22.53 16.97
N GLN D 167 4.39 23.82 17.27
CA GLN D 167 4.22 24.26 18.65
C GLN D 167 3.00 23.61 19.26
N ASP D 168 3.15 23.15 20.50
CA ASP D 168 2.07 22.39 21.14
C ASP D 168 0.83 23.27 21.26
N SER D 169 -0.31 22.71 20.85
CA SER D 169 -1.55 23.46 20.83
C SER D 169 -2.08 23.79 22.22
N LYS D 170 -1.58 23.09 23.25
CA LYS D 170 -2.05 23.28 24.63
C LYS D 170 -1.04 24.00 25.50
N ASP D 171 0.21 23.53 25.54
CA ASP D 171 1.23 24.10 26.41
C ASP D 171 2.27 24.94 25.69
N SER D 172 2.24 24.96 24.35
CA SER D 172 3.13 25.80 23.54
C SER D 172 4.60 25.37 23.65
N THR D 173 4.84 24.06 23.50
CA THR D 173 6.19 23.51 23.55
C THR D 173 6.54 22.83 22.23
N TYR D 174 7.81 22.42 22.14
CA TYR D 174 8.35 21.74 20.96
C TYR D 174 8.86 20.36 21.36
N SER D 175 8.61 19.37 20.50
CA SER D 175 9.21 18.05 20.63
C SER D 175 10.00 17.73 19.37
N LEU D 176 11.13 17.05 19.56
CA LEU D 176 12.05 16.72 18.48
C LEU D 176 12.44 15.24 18.54
N SER D 177 12.51 14.60 17.37
CA SER D 177 13.07 13.27 17.24
C SER D 177 14.33 13.34 16.39
N SER D 178 15.28 12.44 16.69
CA SER D 178 16.53 12.35 15.94
C SER D 178 16.83 10.87 15.71
N THR D 179 16.73 10.44 14.46
CA THR D 179 17.02 9.06 14.07
C THR D 179 18.44 8.97 13.53
N LEU D 180 19.18 7.98 14.04
CA LEU D 180 20.51 7.63 13.55
C LEU D 180 20.37 6.27 12.89
N THR D 181 20.38 6.25 11.56
CA THR D 181 20.22 5.02 10.80
C THR D 181 21.59 4.47 10.41
N LEU D 182 21.82 3.19 10.73
CA LEU D 182 23.05 2.49 10.45
C LEU D 182 22.73 1.11 9.88
N SER D 183 23.77 0.35 9.57
CA SER D 183 23.64 -1.03 9.13
C SER D 183 23.94 -1.97 10.29
N LYS D 184 23.47 -3.21 10.17
CA LYS D 184 23.59 -4.17 11.26
C LYS D 184 25.04 -4.41 11.65
N ALA D 185 25.95 -4.47 10.67
CA ALA D 185 27.36 -4.75 10.98
C ALA D 185 27.99 -3.63 11.79
N ASP D 186 27.79 -2.39 11.36
CA ASP D 186 28.35 -1.24 12.07
C ASP D 186 27.78 -1.14 13.48
N TYR D 187 26.50 -1.46 13.64
CA TYR D 187 25.87 -1.46 14.95
C TYR D 187 26.45 -2.56 15.84
N GLU D 188 26.73 -3.73 15.26
CA GLU D 188 27.24 -4.85 16.05
C GLU D 188 28.69 -4.63 16.46
N LYS D 189 29.47 -3.89 15.68
CA LYS D 189 30.89 -3.74 16.01
C LYS D 189 31.08 -2.77 17.18
N HIS D 190 30.53 -1.57 17.06
CA HIS D 190 30.70 -0.55 18.08
C HIS D 190 29.82 -0.89 19.29
N LYS D 191 30.15 -0.30 20.45
CA LYS D 191 29.57 -0.74 21.71
C LYS D 191 28.62 0.29 22.34
N VAL D 192 29.09 1.51 22.60
CA VAL D 192 28.34 2.49 23.37
C VAL D 192 27.72 3.51 22.43
N TYR D 193 26.41 3.68 22.52
CA TYR D 193 25.68 4.63 21.67
C TYR D 193 25.00 5.68 22.55
N ALA D 194 25.28 6.95 22.29
CA ALA D 194 24.72 8.01 23.09
C ALA D 194 24.26 9.17 22.21
N CYS D 195 23.32 9.94 22.75
CA CYS D 195 22.87 11.18 22.11
C CYS D 195 22.95 12.29 23.15
N GLU D 196 23.71 13.32 22.82
CA GLU D 196 24.01 14.44 23.69
C GLU D 196 23.20 15.65 23.25
N VAL D 197 22.47 16.24 24.19
CA VAL D 197 21.53 17.31 23.90
C VAL D 197 22.04 18.59 24.52
N THR D 198 22.09 19.64 23.71
CA THR D 198 22.42 21.00 24.12
C THR D 198 21.18 21.86 23.89
N HIS D 199 20.83 22.66 24.90
CA HIS D 199 19.64 23.49 24.86
C HIS D 199 19.86 24.67 25.79
N GLN D 200 19.04 25.71 25.60
CA GLN D 200 19.13 26.90 26.44
C GLN D 200 18.86 26.56 27.90
N GLY D 201 17.79 25.82 28.18
CA GLY D 201 17.40 25.50 29.53
C GLY D 201 18.21 24.42 30.21
N LEU D 202 19.19 23.86 29.51
CA LEU D 202 20.15 22.92 30.10
C LEU D 202 21.41 23.71 30.45
N SER D 203 21.68 23.87 31.74
CA SER D 203 22.91 24.54 32.17
C SER D 203 24.13 23.85 31.57
N SER D 204 24.11 22.52 31.51
CA SER D 204 25.13 21.75 30.83
C SER D 204 24.45 20.76 29.89
N PRO D 205 25.12 20.37 28.81
CA PRO D 205 24.51 19.40 27.89
C PRO D 205 24.34 18.04 28.56
N VAL D 206 23.17 17.44 28.39
CA VAL D 206 22.92 16.13 28.98
C VAL D 206 23.21 15.10 27.89
N THR D 207 23.38 13.84 28.30
CA THR D 207 23.63 12.79 27.33
C THR D 207 22.93 11.53 27.79
N LYS D 208 22.10 10.97 26.92
CA LYS D 208 21.42 9.72 27.20
C LYS D 208 22.14 8.63 26.42
N SER D 209 22.52 7.54 27.10
CA SER D 209 23.40 6.54 26.52
C SER D 209 22.91 5.15 26.83
N PHE D 210 23.25 4.20 25.95
CA PHE D 210 23.05 2.79 26.22
C PHE D 210 24.22 1.98 25.66
N ASN D 211 24.28 0.73 26.12
CA ASN D 211 25.19 -0.27 25.62
C ASN D 211 24.33 -1.36 24.98
N ARG D 212 24.65 -1.72 23.75
CA ARG D 212 23.85 -2.70 23.01
C ARG D 212 23.87 -4.08 23.67
N GLY D 213 22.69 -4.66 23.83
CA GLY D 213 22.54 -6.03 24.25
C GLY D 213 22.37 -6.27 25.73
N GLU D 214 22.98 -5.43 26.58
CA GLU D 214 22.84 -5.55 28.03
C GLU D 214 21.60 -4.78 28.50
N CYS D 215 20.46 -5.45 28.38
CA CYS D 215 19.19 -4.98 28.97
C CYS D 215 18.89 -3.51 28.72
N GLU E 4 -35.49 -17.65 -6.64
CA GLU E 4 -34.37 -16.74 -6.40
C GLU E 4 -33.67 -17.06 -5.09
N VAL E 5 -32.87 -18.13 -5.10
CA VAL E 5 -32.08 -18.55 -3.93
C VAL E 5 -30.62 -18.22 -4.18
N GLN E 6 -29.95 -17.66 -3.17
CA GLN E 6 -28.51 -17.40 -3.24
C GLN E 6 -27.93 -17.44 -1.84
N LEU E 7 -26.66 -17.03 -1.73
CA LEU E 7 -25.89 -16.96 -0.49
C LEU E 7 -24.63 -16.17 -0.81
N VAL E 8 -24.27 -15.18 0.01
CA VAL E 8 -23.10 -14.35 -0.27
C VAL E 8 -22.23 -14.17 0.97
N GLU E 9 -20.94 -14.50 0.85
CA GLU E 9 -19.97 -14.26 1.91
C GLU E 9 -19.34 -12.87 1.79
N SER E 10 -19.35 -12.14 2.89
CA SER E 10 -18.76 -10.81 2.99
C SER E 10 -17.72 -10.78 4.13
N GLY E 11 -16.88 -9.74 4.09
CA GLY E 11 -15.84 -9.56 5.08
C GLY E 11 -14.48 -10.15 4.79
N GLY E 12 -14.04 -10.14 3.53
CA GLY E 12 -12.76 -10.69 3.15
C GLY E 12 -11.69 -9.63 2.97
N GLY E 13 -10.45 -10.02 3.28
CA GLY E 13 -9.33 -9.09 3.13
C GLY E 13 -8.05 -9.67 3.70
N LEU E 14 -7.11 -8.75 3.96
CA LEU E 14 -5.82 -9.08 4.54
C LEU E 14 -5.81 -8.82 6.04
N VAL E 15 -5.16 -9.70 6.79
CA VAL E 15 -4.96 -9.57 8.22
C VAL E 15 -3.53 -9.96 8.52
N GLN E 16 -3.08 -9.63 9.70
CA GLN E 16 -1.72 -9.88 10.12
C GLN E 16 -1.64 -11.19 10.87
N PRO E 17 -0.46 -11.80 10.96
CA PRO E 17 -0.32 -13.01 11.79
C PRO E 17 -0.61 -12.68 13.24
N GLY E 18 -1.57 -13.39 13.82
CA GLY E 18 -2.04 -13.09 15.15
C GLY E 18 -3.25 -12.18 15.20
N GLY E 19 -3.67 -11.62 14.06
CA GLY E 19 -4.76 -10.68 14.02
C GLY E 19 -6.11 -11.38 14.16
N SER E 20 -7.15 -10.65 13.80
CA SER E 20 -8.51 -11.15 13.91
CA SER E 20 -8.52 -11.13 13.93
C SER E 20 -9.35 -10.65 12.75
N LEU E 21 -10.26 -11.51 12.28
CA LEU E 21 -11.15 -11.17 11.19
C LEU E 21 -12.54 -11.72 11.50
N ARG E 22 -13.55 -11.14 10.88
CA ARG E 22 -14.93 -11.61 11.02
C ARG E 22 -15.55 -11.74 9.64
N LEU E 23 -16.11 -12.90 9.36
CA LEU E 23 -16.75 -13.20 8.09
C LEU E 23 -18.26 -13.28 8.31
N SER E 24 -19.01 -12.69 7.39
CA SER E 24 -20.46 -12.82 7.38
C SER E 24 -20.88 -13.57 6.13
N CYS E 25 -22.07 -14.18 6.17
CA CYS E 25 -22.63 -14.78 4.96
C CYS E 25 -24.14 -14.74 5.06
N ALA E 26 -24.73 -14.02 4.11
CA ALA E 26 -26.15 -13.69 4.09
C ALA E 26 -26.90 -14.58 3.11
N ALA E 27 -28.02 -15.13 3.58
CA ALA E 27 -28.85 -16.09 2.84
C ALA E 27 -30.00 -15.36 2.16
N SER E 28 -30.63 -16.03 1.20
CA SER E 28 -31.60 -15.38 0.32
C SER E 28 -33.03 -15.85 0.48
N GLY E 29 -33.31 -17.14 0.29
CA GLY E 29 -34.69 -17.57 0.17
C GLY E 29 -35.12 -18.83 0.90
N PHE E 30 -34.27 -19.39 1.74
CA PHE E 30 -34.55 -20.70 2.30
C PHE E 30 -34.72 -20.78 3.81
N ASN E 31 -34.71 -19.66 4.54
CA ASN E 31 -34.87 -19.73 5.99
C ASN E 31 -33.79 -20.63 6.58
N PHE E 32 -32.56 -20.10 6.72
CA PHE E 32 -31.41 -20.92 7.09
C PHE E 32 -31.57 -21.62 8.43
N TYR E 33 -32.67 -21.34 9.14
CA TYR E 33 -32.98 -22.08 10.35
C TYR E 33 -33.29 -23.54 10.04
N TYR E 34 -33.99 -23.79 8.92
CA TYR E 34 -34.39 -25.15 8.58
C TYR E 34 -33.21 -26.02 8.15
N TYR E 35 -32.10 -25.40 7.80
CA TYR E 35 -30.90 -26.05 7.29
C TYR E 35 -29.78 -25.87 8.30
N SER E 36 -28.68 -26.56 8.08
CA SER E 36 -27.48 -26.38 8.89
C SER E 36 -26.42 -25.69 8.03
N ILE E 37 -25.72 -24.74 8.64
CA ILE E 37 -24.78 -23.89 7.93
C ILE E 37 -23.36 -24.36 8.22
N HIS E 38 -22.61 -24.60 7.16
CA HIS E 38 -21.23 -25.05 7.27
C HIS E 38 -20.30 -24.03 6.62
N TRP E 39 -19.13 -23.88 7.22
CA TRP E 39 -18.04 -23.08 6.68
C TRP E 39 -16.93 -24.05 6.29
N VAL E 40 -16.53 -23.98 5.02
CA VAL E 40 -15.54 -24.85 4.40
C VAL E 40 -14.51 -23.96 3.72
N ARG E 41 -13.24 -24.26 3.91
CA ARG E 41 -12.18 -23.43 3.33
C ARG E 41 -11.34 -24.22 2.35
N GLN E 42 -10.94 -23.54 1.28
CA GLN E 42 -10.07 -24.10 0.24
C GLN E 42 -8.79 -23.28 0.21
N ALA E 43 -7.67 -23.91 0.56
CA ALA E 43 -6.37 -23.25 0.55
C ALA E 43 -5.99 -22.87 -0.87
N PRO E 44 -4.97 -22.03 -1.08
CA PRO E 44 -4.57 -21.69 -2.45
C PRO E 44 -4.05 -22.92 -3.18
N GLY E 45 -4.76 -23.32 -4.24
CA GLY E 45 -4.38 -24.48 -5.02
C GLY E 45 -4.30 -25.77 -4.24
N LYS E 46 -5.27 -26.01 -3.35
CA LYS E 46 -5.29 -27.21 -2.51
C LYS E 46 -6.72 -27.70 -2.39
N GLY E 47 -6.92 -28.72 -1.56
CA GLY E 47 -8.20 -29.36 -1.42
C GLY E 47 -9.15 -28.57 -0.54
N LEU E 48 -10.26 -29.22 -0.20
CA LEU E 48 -11.30 -28.61 0.62
C LEU E 48 -11.12 -29.01 2.08
N GLU E 49 -11.41 -28.09 2.99
CA GLU E 49 -11.27 -28.33 4.42
C GLU E 49 -12.51 -27.81 5.13
N TRP E 50 -13.22 -28.71 5.81
CA TRP E 50 -14.32 -28.29 6.66
C TRP E 50 -13.78 -27.53 7.86
N VAL E 51 -14.46 -26.44 8.24
CA VAL E 51 -14.01 -25.55 9.29
C VAL E 51 -15.01 -25.49 10.44
N ALA E 52 -16.29 -25.34 10.12
CA ALA E 52 -17.26 -25.17 11.20
C ALA E 52 -18.65 -25.50 10.70
N SER E 53 -19.55 -25.82 11.63
CA SER E 53 -20.94 -26.03 11.26
C SER E 53 -21.82 -25.73 12.46
N ILE E 54 -22.95 -25.08 12.22
CA ILE E 54 -23.98 -24.95 13.24
C ILE E 54 -25.28 -25.53 12.70
N SER E 55 -25.95 -26.31 13.54
CA SER E 55 -27.31 -26.73 13.25
C SER E 55 -28.27 -25.80 13.95
N PRO E 56 -29.04 -25.03 13.20
CA PRO E 56 -30.22 -24.35 13.75
C PRO E 56 -31.33 -25.35 14.04
N TYR E 57 -32.30 -24.90 14.85
CA TYR E 57 -33.35 -25.73 15.45
C TYR E 57 -32.75 -26.83 16.33
N SER E 58 -31.44 -26.76 16.55
CA SER E 58 -30.68 -27.49 17.54
C SER E 58 -29.69 -26.59 18.26
N GLY E 59 -29.31 -25.47 17.65
CA GLY E 59 -28.32 -24.54 18.18
C GLY E 59 -26.99 -25.18 18.50
N TYR E 60 -26.60 -26.23 17.79
CA TYR E 60 -25.32 -26.88 18.05
C TYR E 60 -24.20 -26.35 17.17
N THR E 61 -23.02 -26.17 17.76
CA THR E 61 -21.84 -25.64 17.08
C THR E 61 -20.74 -26.69 17.12
N TYR E 62 -20.18 -27.01 15.96
CA TYR E 62 -19.11 -27.99 15.82
C TYR E 62 -17.97 -27.39 15.03
N TYR E 63 -16.74 -27.68 15.43
CA TYR E 63 -15.56 -27.09 14.83
C TYR E 63 -14.54 -28.16 14.46
N ALA E 64 -13.74 -27.87 13.44
CA ALA E 64 -12.61 -28.72 13.10
C ALA E 64 -11.48 -28.49 14.10
N ASP E 65 -10.74 -29.55 14.39
CA ASP E 65 -9.69 -29.46 15.40
C ASP E 65 -8.55 -28.54 14.98
N SER E 66 -8.38 -28.30 13.69
CA SER E 66 -7.35 -27.35 13.25
C SER E 66 -7.66 -25.92 13.67
N VAL E 67 -8.93 -25.62 13.96
CA VAL E 67 -9.35 -24.28 14.33
C VAL E 67 -9.96 -24.23 15.72
N LYS E 68 -10.15 -25.37 16.36
CA LYS E 68 -10.75 -25.42 17.69
C LYS E 68 -9.96 -24.56 18.66
N GLY E 69 -10.66 -23.69 19.39
CA GLY E 69 -10.06 -22.79 20.34
C GLY E 69 -9.74 -21.41 19.81
N ARG E 70 -9.88 -21.17 18.49
CA ARG E 70 -9.66 -19.85 17.94
C ARG E 70 -10.76 -19.36 16.99
N PHE E 71 -11.67 -20.23 16.57
CA PHE E 71 -12.76 -19.84 15.68
C PHE E 71 -14.09 -19.97 16.42
N THR E 72 -15.04 -19.11 16.06
CA THR E 72 -16.39 -19.20 16.61
C THR E 72 -17.39 -18.97 15.49
N ILE E 73 -18.22 -19.95 15.25
CA ILE E 73 -19.31 -19.81 14.30
C ILE E 73 -20.56 -19.41 15.07
N SER E 74 -21.43 -18.65 14.42
CA SER E 74 -22.66 -18.18 15.04
C SER E 74 -23.64 -17.84 13.94
N ALA E 75 -24.86 -17.50 14.33
CA ALA E 75 -25.86 -17.09 13.37
C ALA E 75 -26.87 -16.18 14.06
N ASP E 76 -27.36 -15.19 13.33
CA ASP E 76 -28.42 -14.31 13.85
C ASP E 76 -29.72 -14.78 13.23
N THR E 77 -30.62 -15.31 14.07
CA THR E 77 -31.84 -15.91 13.55
C THR E 77 -32.70 -14.89 12.82
N SER E 78 -32.69 -13.64 13.29
CA SER E 78 -33.39 -12.58 12.58
C SER E 78 -32.73 -12.37 11.22
N LYS E 79 -33.55 -12.07 10.22
CA LYS E 79 -33.08 -12.02 8.83
C LYS E 79 -32.49 -13.40 8.51
N ASN E 80 -31.53 -13.47 7.60
CA ASN E 80 -30.91 -14.75 7.18
C ASN E 80 -29.40 -14.56 7.13
N THR E 81 -28.74 -14.65 8.29
CA THR E 81 -27.30 -14.37 8.32
C THR E 81 -26.56 -15.29 9.29
N ALA E 82 -25.36 -15.68 8.89
CA ALA E 82 -24.45 -16.48 9.70
C ALA E 82 -23.08 -15.83 9.72
N TYR E 83 -22.28 -16.15 10.73
CA TYR E 83 -21.03 -15.45 10.98
C TYR E 83 -19.96 -16.44 11.42
N LEU E 84 -18.70 -16.07 11.15
CA LEU E 84 -17.54 -16.88 11.53
C LEU E 84 -16.45 -15.90 11.97
N GLN E 85 -16.12 -15.93 13.26
CA GLN E 85 -15.09 -15.07 13.81
C GLN E 85 -13.80 -15.86 13.94
N MET E 86 -12.72 -15.32 13.35
CA MET E 86 -11.42 -15.97 13.32
C MET E 86 -10.45 -15.13 14.14
N ASN E 87 -9.70 -15.79 15.02
CA ASN E 87 -8.88 -15.13 16.02
C ASN E 87 -7.56 -15.88 16.14
N SER E 88 -6.58 -15.20 16.73
CA SER E 88 -5.21 -15.71 16.82
C SER E 88 -4.79 -16.33 15.49
N LEU E 89 -5.04 -15.59 14.42
CA LEU E 89 -4.94 -16.13 13.06
C LEU E 89 -3.49 -16.48 12.71
N ARG E 90 -3.33 -17.59 12.00
CA ARG E 90 -2.05 -18.05 11.52
C ARG E 90 -2.02 -18.00 10.00
N ALA E 91 -0.81 -18.10 9.44
CA ALA E 91 -0.66 -18.03 7.99
C ALA E 91 -1.38 -19.19 7.30
N GLU E 92 -1.47 -20.34 7.95
CA GLU E 92 -2.08 -21.54 7.38
C GLU E 92 -3.59 -21.38 7.16
N ASP E 93 -4.21 -20.34 7.72
CA ASP E 93 -5.62 -20.07 7.49
C ASP E 93 -5.86 -19.32 6.18
N THR E 94 -4.81 -18.96 5.45
CA THR E 94 -4.95 -18.36 4.13
C THR E 94 -5.73 -19.29 3.21
N ALA E 95 -6.92 -18.88 2.80
CA ALA E 95 -7.79 -19.72 1.99
C ALA E 95 -8.97 -18.87 1.52
N VAL E 96 -9.70 -19.42 0.56
CA VAL E 96 -11.05 -18.95 0.26
C VAL E 96 -12.02 -19.62 1.22
N TYR E 97 -12.97 -18.86 1.75
CA TYR E 97 -13.90 -19.36 2.75
C TYR E 97 -15.31 -19.36 2.17
N TYR E 98 -15.88 -20.55 1.99
CA TYR E 98 -17.22 -20.76 1.49
C TYR E 98 -18.15 -21.06 2.65
N CYS E 99 -19.41 -20.65 2.51
CA CYS E 99 -20.45 -20.97 3.48
C CYS E 99 -21.62 -21.60 2.73
N ALA E 100 -22.04 -22.79 3.17
CA ALA E 100 -22.99 -23.60 2.42
C ALA E 100 -24.03 -24.21 3.34
N ARG E 101 -25.21 -24.50 2.79
CA ARG E 101 -26.31 -25.09 3.53
C ARG E 101 -26.39 -26.60 3.28
N SER E 102 -26.88 -27.32 4.29
CA SER E 102 -27.29 -28.71 4.14
C SER E 102 -28.61 -28.92 4.87
N TYR E 103 -29.59 -29.55 4.22
CA TYR E 103 -30.85 -29.78 4.91
C TYR E 103 -30.68 -30.80 6.02
N GLY E 104 -31.38 -30.57 7.14
CA GLY E 104 -31.31 -31.49 8.25
C GLY E 104 -29.97 -31.38 8.97
N TRP E 105 -29.60 -32.47 9.63
CA TRP E 105 -28.34 -32.55 10.35
C TRP E 105 -27.54 -33.74 9.87
N ALA E 106 -26.31 -33.49 9.41
CA ALA E 106 -25.30 -34.52 9.16
C ALA E 106 -25.78 -35.58 8.16
N THR E 107 -26.67 -35.17 7.27
CA THR E 107 -27.13 -36.02 6.19
C THR E 107 -27.40 -35.15 4.97
N TYR E 108 -27.56 -35.80 3.83
CA TYR E 108 -27.83 -35.14 2.55
C TYR E 108 -26.66 -34.23 2.15
N GLY E 109 -26.79 -33.56 1.01
CA GLY E 109 -25.66 -32.88 0.40
C GLY E 109 -25.57 -31.39 0.68
N LEU E 110 -24.33 -30.88 0.70
CA LEU E 110 -24.10 -29.44 0.70
C LEU E 110 -24.38 -28.90 -0.71
N ASP E 111 -25.59 -28.42 -0.94
CA ASP E 111 -25.99 -28.06 -2.31
C ASP E 111 -25.56 -26.65 -2.69
N TYR E 112 -26.02 -25.64 -1.96
CA TYR E 112 -25.78 -24.25 -2.32
C TYR E 112 -24.57 -23.69 -1.57
N TRP E 113 -23.55 -23.31 -2.33
CA TRP E 113 -22.35 -22.65 -1.83
C TRP E 113 -22.39 -21.17 -2.18
N GLY E 114 -21.46 -20.42 -1.58
CA GLY E 114 -21.31 -19.02 -1.92
C GLY E 114 -20.30 -18.81 -3.03
N GLN E 115 -20.08 -17.54 -3.35
CA GLN E 115 -19.01 -17.21 -4.30
C GLN E 115 -17.64 -17.46 -3.69
N GLY E 116 -17.48 -17.15 -2.41
CA GLY E 116 -16.21 -17.26 -1.72
C GLY E 116 -15.76 -15.91 -1.20
N THR E 117 -14.68 -15.97 -0.42
CA THR E 117 -14.02 -14.77 0.05
C THR E 117 -12.61 -15.12 0.47
N LEU E 118 -11.65 -14.28 0.08
CA LEU E 118 -10.24 -14.57 0.31
C LEU E 118 -9.80 -13.93 1.61
N VAL E 119 -9.08 -14.69 2.43
CA VAL E 119 -8.53 -14.22 3.69
C VAL E 119 -7.02 -14.42 3.64
N THR E 120 -6.28 -13.34 3.47
CA THR E 120 -4.82 -13.41 3.44
C THR E 120 -4.27 -13.16 4.83
N VAL E 121 -3.40 -14.04 5.30
CA VAL E 121 -2.76 -13.90 6.60
C VAL E 121 -1.27 -13.77 6.35
N SER E 122 -0.77 -12.53 6.32
CA SER E 122 0.64 -12.28 6.08
C SER E 122 1.09 -11.09 6.92
N SER E 123 2.36 -11.12 7.32
CA SER E 123 2.98 -10.00 8.03
C SER E 123 3.47 -8.89 7.11
N ALA E 124 3.34 -9.07 5.80
CA ALA E 124 4.05 -8.25 4.83
C ALA E 124 3.19 -7.04 4.47
N SER E 125 3.72 -6.20 3.59
CA SER E 125 3.01 -5.01 3.15
C SER E 125 3.21 -4.85 1.65
N THR E 126 2.42 -3.95 1.07
CA THR E 126 2.45 -3.73 -0.37
C THR E 126 3.84 -3.37 -0.87
N LYS E 127 4.30 -4.08 -1.90
CA LYS E 127 5.59 -3.85 -2.50
C LYS E 127 5.48 -4.09 -4.00
N GLY E 128 5.99 -3.16 -4.80
CA GLY E 128 6.05 -3.34 -6.23
C GLY E 128 7.11 -4.36 -6.58
N PRO E 129 6.98 -4.96 -7.75
CA PRO E 129 7.91 -6.02 -8.15
C PRO E 129 9.13 -5.46 -8.87
N SER E 130 10.14 -6.31 -8.98
CA SER E 130 11.35 -6.02 -9.74
C SER E 130 11.40 -6.97 -10.93
N VAL E 131 11.35 -6.42 -12.14
CA VAL E 131 11.20 -7.20 -13.35
C VAL E 131 12.59 -7.46 -13.94
N PHE E 132 12.90 -8.72 -14.19
CA PHE E 132 14.23 -9.06 -14.69
C PHE E 132 14.16 -9.79 -16.02
N PRO E 133 15.16 -9.62 -16.88
CA PRO E 133 15.13 -10.30 -18.18
C PRO E 133 15.59 -11.74 -18.09
N LEU E 134 14.95 -12.59 -18.90
CA LEU E 134 15.37 -13.97 -19.10
C LEU E 134 16.10 -14.00 -20.43
N ALA E 135 17.41 -14.17 -20.37
CA ALA E 135 18.27 -14.00 -21.54
C ALA E 135 17.91 -14.97 -22.66
N PRO E 136 17.58 -14.48 -23.87
CA PRO E 136 17.44 -15.40 -25.01
C PRO E 136 18.82 -15.89 -25.43
N SER E 137 19.18 -17.09 -25.00
CA SER E 137 20.55 -17.58 -25.16
C SER E 137 20.67 -18.75 -26.13
N SER E 138 19.70 -18.91 -27.04
CA SER E 138 19.79 -20.00 -28.00
C SER E 138 20.93 -19.80 -28.98
N LYS E 139 20.85 -18.74 -29.78
CA LYS E 139 21.88 -18.36 -30.74
C LYS E 139 21.50 -16.99 -31.27
N SER E 140 22.13 -16.55 -32.36
CA SER E 140 21.72 -15.33 -33.05
C SER E 140 21.31 -15.70 -34.47
N THR E 141 20.00 -15.73 -34.71
CA THR E 141 19.40 -16.12 -36.00
C THR E 141 20.12 -17.31 -36.65
N SER E 142 20.39 -18.34 -35.85
CA SER E 142 21.06 -19.56 -36.33
C SER E 142 20.34 -20.82 -35.86
N GLY E 143 19.04 -20.92 -36.07
CA GLY E 143 18.31 -22.03 -35.49
C GLY E 143 16.82 -21.96 -35.78
N GLY E 144 16.06 -22.79 -35.06
CA GLY E 144 14.62 -22.80 -35.20
C GLY E 144 13.81 -22.12 -34.11
N THR E 145 14.11 -22.34 -32.82
CA THR E 145 13.26 -21.82 -31.76
C THR E 145 14.06 -21.36 -30.55
N ALA E 146 13.63 -20.26 -29.95
CA ALA E 146 14.20 -19.78 -28.69
C ALA E 146 13.10 -19.29 -27.76
N ALA E 147 13.34 -19.41 -26.46
CA ALA E 147 12.37 -18.99 -25.45
C ALA E 147 12.99 -17.88 -24.62
N LEU E 148 12.22 -16.81 -24.39
CA LEU E 148 12.69 -15.68 -23.60
C LEU E 148 11.52 -15.11 -22.81
N GLY E 149 11.82 -14.36 -21.75
CA GLY E 149 10.74 -13.84 -20.95
C GLY E 149 11.17 -12.89 -19.86
N CYS E 150 10.26 -12.71 -18.90
CA CYS E 150 10.44 -11.81 -17.78
C CYS E 150 10.28 -12.56 -16.46
N LEU E 151 10.88 -12.00 -15.41
CA LEU E 151 10.89 -12.58 -14.07
C LEU E 151 10.41 -11.52 -13.08
N VAL E 152 9.15 -11.61 -12.69
CA VAL E 152 8.57 -10.76 -11.65
C VAL E 152 8.95 -11.37 -10.30
N LYS E 153 9.88 -10.74 -9.58
CA LYS E 153 10.63 -11.45 -8.55
C LYS E 153 10.07 -11.30 -7.14
N ASP E 154 9.72 -10.08 -6.70
CA ASP E 154 9.33 -9.87 -5.32
C ASP E 154 8.18 -8.86 -5.25
N TYR E 155 6.98 -9.33 -4.88
CA TYR E 155 5.83 -8.44 -4.79
C TYR E 155 4.83 -9.02 -3.80
N PHE E 156 3.83 -8.19 -3.49
CA PHE E 156 2.78 -8.41 -2.51
C PHE E 156 1.79 -7.28 -2.72
N PRO E 157 0.47 -7.48 -2.60
CA PRO E 157 -0.31 -8.68 -2.25
C PRO E 157 -0.99 -9.46 -3.38
N GLU E 158 -0.46 -9.52 -4.61
CA GLU E 158 -1.13 -10.15 -5.74
C GLU E 158 -2.42 -9.42 -6.13
N PRO E 159 -2.79 -9.48 -7.41
CA PRO E 159 -2.07 -10.17 -8.49
C PRO E 159 -1.24 -9.20 -9.30
N VAL E 160 -0.36 -9.71 -10.16
CA VAL E 160 0.28 -8.92 -11.19
C VAL E 160 -0.21 -9.43 -12.53
N THR E 161 -0.26 -8.54 -13.51
CA THR E 161 -0.65 -8.88 -14.87
C THR E 161 0.54 -8.62 -15.78
N VAL E 162 0.95 -9.65 -16.52
CA VAL E 162 2.06 -9.55 -17.46
C VAL E 162 1.49 -9.69 -18.87
N SER E 163 1.65 -8.65 -19.67
CA SER E 163 1.34 -8.70 -21.09
C SER E 163 2.64 -8.63 -21.88
N TRP E 164 2.55 -8.88 -23.18
CA TRP E 164 3.74 -8.97 -24.02
C TRP E 164 3.61 -8.07 -25.24
N ASN E 165 4.60 -7.18 -25.42
CA ASN E 165 4.64 -6.23 -26.52
C ASN E 165 3.30 -5.49 -26.68
N SER E 166 2.75 -5.07 -25.55
CA SER E 166 1.48 -4.32 -25.50
C SER E 166 0.32 -5.12 -26.09
N GLY E 167 0.36 -6.45 -25.95
CA GLY E 167 -0.75 -7.29 -26.32
C GLY E 167 -0.70 -7.85 -27.72
N ALA E 168 0.24 -7.42 -28.55
CA ALA E 168 0.34 -7.97 -29.90
C ALA E 168 0.85 -9.40 -29.88
N LEU E 169 1.93 -9.65 -29.14
CA LEU E 169 2.52 -10.98 -29.04
C LEU E 169 1.75 -11.77 -28.00
N THR E 170 0.88 -12.68 -28.47
CA THR E 170 0.08 -13.54 -27.61
C THR E 170 0.32 -15.03 -27.83
N SER E 171 0.61 -15.46 -29.05
CA SER E 171 0.80 -16.88 -29.34
C SER E 171 2.19 -17.29 -28.87
N GLY E 172 2.22 -18.27 -27.96
CA GLY E 172 3.46 -18.75 -27.39
C GLY E 172 3.73 -18.25 -25.98
N VAL E 173 2.91 -17.34 -25.47
CA VAL E 173 3.13 -16.79 -24.13
C VAL E 173 2.60 -17.76 -23.08
N HIS E 174 3.42 -18.00 -22.07
CA HIS E 174 3.03 -18.76 -20.87
C HIS E 174 3.36 -17.89 -19.67
N THR E 175 2.34 -17.28 -19.08
CA THR E 175 2.48 -16.57 -17.82
C THR E 175 2.17 -17.55 -16.68
N PHE E 176 3.19 -17.93 -15.93
CA PHE E 176 3.05 -18.99 -14.95
C PHE E 176 2.35 -18.50 -13.68
N PRO E 177 1.71 -19.40 -12.95
CA PRO E 177 1.18 -19.03 -11.62
C PRO E 177 2.31 -18.65 -10.68
N ALA E 178 2.01 -17.73 -9.76
CA ALA E 178 3.00 -17.20 -8.84
C ALA E 178 3.32 -18.20 -7.74
N VAL E 179 4.55 -18.14 -7.25
CA VAL E 179 5.03 -19.01 -6.19
C VAL E 179 5.36 -18.15 -4.97
N LEU E 180 4.77 -18.51 -3.83
CA LEU E 180 5.05 -17.78 -2.59
C LEU E 180 6.36 -18.28 -2.00
N GLN E 181 7.24 -17.34 -1.67
CA GLN E 181 8.57 -17.70 -1.18
C GLN E 181 8.57 -17.71 0.35
N SER E 182 9.75 -17.85 0.95
CA SER E 182 9.87 -17.80 2.39
C SER E 182 9.90 -16.38 2.93
N SER E 183 9.94 -15.37 2.06
CA SER E 183 9.91 -13.99 2.49
C SER E 183 8.50 -13.46 2.67
N GLY E 184 7.48 -14.22 2.24
CA GLY E 184 6.13 -13.70 2.20
C GLY E 184 5.79 -12.94 0.95
N LEU E 185 6.68 -12.92 -0.04
CA LEU E 185 6.48 -12.20 -1.29
C LEU E 185 6.35 -13.20 -2.43
N TYR E 186 5.51 -12.88 -3.40
CA TYR E 186 5.28 -13.76 -4.52
C TYR E 186 6.36 -13.58 -5.58
N SER E 187 6.44 -14.55 -6.50
CA SER E 187 7.39 -14.50 -7.61
C SER E 187 6.83 -15.34 -8.75
N LEU E 188 6.71 -14.74 -9.92
CA LEU E 188 6.28 -15.46 -11.11
C LEU E 188 7.20 -15.15 -12.27
N SER E 189 7.06 -15.93 -13.34
CA SER E 189 7.78 -15.71 -14.57
C SER E 189 6.80 -15.79 -15.73
N SER E 190 7.15 -15.10 -16.83
CA SER E 190 6.33 -15.12 -18.05
C SER E 190 7.26 -15.33 -19.24
N VAL E 191 7.11 -16.47 -19.92
CA VAL E 191 7.97 -16.82 -21.04
C VAL E 191 7.18 -16.72 -22.34
N VAL E 192 7.92 -16.70 -23.45
CA VAL E 192 7.33 -16.74 -24.78
C VAL E 192 8.34 -17.38 -25.71
N THR E 193 7.86 -18.29 -26.56
CA THR E 193 8.67 -18.94 -27.58
C THR E 193 8.52 -18.21 -28.90
N VAL E 194 9.67 -17.89 -29.50
CA VAL E 194 9.72 -17.19 -30.78
C VAL E 194 10.70 -17.93 -31.68
N PRO E 195 10.64 -17.70 -33.00
CA PRO E 195 11.63 -18.30 -33.89
C PRO E 195 13.04 -17.91 -33.47
N SER E 196 13.98 -18.84 -33.67
CA SER E 196 15.37 -18.53 -33.33
C SER E 196 15.88 -17.35 -34.16
N SER E 197 15.33 -17.17 -35.36
CA SER E 197 15.56 -15.94 -36.12
C SER E 197 14.77 -14.81 -35.47
N SER E 198 14.82 -13.63 -36.09
CA SER E 198 14.14 -12.44 -35.59
C SER E 198 14.58 -12.04 -34.18
N LEU E 199 15.61 -12.70 -33.63
CA LEU E 199 16.06 -12.36 -32.29
C LEU E 199 16.73 -11.00 -32.30
N GLY E 200 17.62 -10.75 -33.26
CA GLY E 200 18.27 -9.46 -33.37
C GLY E 200 17.43 -8.44 -34.11
N THR E 201 16.55 -8.90 -35.00
CA THR E 201 15.71 -7.99 -35.77
C THR E 201 14.53 -7.48 -34.95
N GLN E 202 13.79 -8.38 -34.30
CA GLN E 202 12.60 -8.03 -33.54
C GLN E 202 12.96 -7.96 -32.07
N THR E 203 12.63 -6.84 -31.43
CA THR E 203 12.90 -6.62 -30.01
C THR E 203 11.60 -6.73 -29.22
N TYR E 204 11.62 -7.53 -28.16
CA TYR E 204 10.43 -7.82 -27.37
C TYR E 204 10.52 -7.13 -26.02
N ILE E 205 9.38 -6.60 -25.55
CA ILE E 205 9.29 -5.98 -24.23
C ILE E 205 8.08 -6.56 -23.51
N CYS E 206 8.24 -6.84 -22.22
CA CYS E 206 7.15 -7.30 -21.37
C CYS E 206 6.59 -6.12 -20.56
N ASN E 207 5.27 -6.14 -20.35
CA ASN E 207 4.55 -5.11 -19.58
C ASN E 207 4.01 -5.77 -18.31
N VAL E 208 4.79 -5.66 -17.24
CA VAL E 208 4.33 -6.05 -15.92
C VAL E 208 3.49 -4.92 -15.33
N ASN E 209 2.45 -5.28 -14.58
CA ASN E 209 1.55 -4.29 -14.00
C ASN E 209 1.08 -4.79 -12.65
N HIS E 210 1.21 -3.94 -11.62
CA HIS E 210 0.88 -4.28 -10.24
C HIS E 210 0.02 -3.15 -9.68
N LYS E 211 -1.30 -3.25 -9.85
CA LYS E 211 -2.20 -2.18 -9.43
C LYS E 211 -2.10 -1.82 -7.95
N PRO E 212 -2.03 -2.77 -7.00
CA PRO E 212 -1.95 -2.37 -5.58
C PRO E 212 -0.77 -1.47 -5.26
N SER E 213 0.37 -1.65 -5.92
CA SER E 213 1.54 -0.79 -5.72
C SER E 213 1.68 0.25 -6.82
N ASN E 214 0.70 0.35 -7.71
CA ASN E 214 0.70 1.33 -8.81
C ASN E 214 2.01 1.31 -9.58
N THR E 215 2.51 0.11 -9.89
CA THR E 215 3.67 -0.05 -10.74
C THR E 215 3.25 -0.49 -12.13
N LYS E 216 3.92 0.05 -13.15
CA LYS E 216 3.66 -0.27 -14.55
C LYS E 216 4.98 -0.33 -15.30
N VAL E 217 5.86 -1.26 -14.88
CA VAL E 217 7.20 -1.36 -15.46
C VAL E 217 7.15 -2.17 -16.75
N ASP E 218 7.91 -1.72 -17.75
CA ASP E 218 8.06 -2.37 -19.04
C ASP E 218 9.53 -2.59 -19.31
N LYS E 219 9.89 -3.82 -19.68
CA LYS E 219 11.30 -4.19 -19.82
C LYS E 219 11.57 -4.86 -21.16
N LYS E 220 12.64 -4.42 -21.83
CA LYS E 220 13.07 -5.00 -23.10
C LYS E 220 14.01 -6.17 -22.84
N VAL E 221 13.83 -7.25 -23.60
CA VAL E 221 14.62 -8.46 -23.47
C VAL E 221 15.43 -8.63 -24.75
N GLU E 222 16.75 -8.51 -24.63
CA GLU E 222 17.65 -8.63 -25.76
C GLU E 222 18.75 -9.64 -25.47
N PRO E 223 19.31 -10.29 -26.50
CA PRO E 223 20.38 -11.28 -26.31
C PRO E 223 21.69 -10.65 -25.83
N SER F 1 -9.13 -43.78 15.98
CA SER F 1 -8.67 -43.79 14.59
C SER F 1 -9.39 -42.74 13.75
N ASP F 2 -8.69 -41.65 13.40
CA ASP F 2 -9.35 -40.56 12.69
C ASP F 2 -9.77 -41.03 11.29
N ILE F 3 -10.87 -40.47 10.82
CA ILE F 3 -11.49 -40.86 9.55
C ILE F 3 -11.06 -39.95 8.41
N GLN F 4 -10.87 -40.55 7.24
CA GLN F 4 -10.50 -39.83 6.03
C GLN F 4 -10.93 -40.63 4.80
N MET F 5 -11.37 -39.92 3.77
CA MET F 5 -11.63 -40.51 2.47
C MET F 5 -10.34 -40.57 1.66
N THR F 6 -10.13 -41.68 0.97
CA THR F 6 -9.00 -41.84 0.06
C THR F 6 -9.54 -41.89 -1.36
N GLN F 7 -9.30 -40.84 -2.13
CA GLN F 7 -9.81 -40.69 -3.48
C GLN F 7 -8.74 -41.06 -4.51
N SER F 8 -9.15 -41.78 -5.54
CA SER F 8 -8.28 -42.26 -6.59
C SER F 8 -8.99 -42.21 -7.94
N PRO F 9 -8.25 -41.89 -9.01
CA PRO F 9 -6.83 -41.52 -9.02
C PRO F 9 -6.65 -40.03 -8.69
N SER F 10 -5.46 -39.60 -8.29
CA SER F 10 -5.21 -38.17 -8.08
C SER F 10 -5.53 -37.37 -9.34
N SER F 11 -5.11 -37.88 -10.50
CA SER F 11 -5.51 -37.30 -11.78
C SER F 11 -5.63 -38.42 -12.80
N LEU F 12 -6.55 -38.22 -13.75
CA LEU F 12 -6.74 -39.14 -14.85
C LEU F 12 -6.91 -38.36 -16.14
N SER F 13 -6.52 -38.98 -17.25
CA SER F 13 -6.63 -38.40 -18.57
C SER F 13 -7.69 -39.15 -19.38
N ALA F 14 -8.61 -38.41 -19.97
CA ALA F 14 -9.71 -39.04 -20.70
C ALA F 14 -10.12 -38.14 -21.87
N SER F 15 -10.70 -38.76 -22.88
CA SER F 15 -11.18 -38.06 -24.06
C SER F 15 -12.70 -37.94 -24.03
N VAL F 16 -13.21 -36.93 -24.72
CA VAL F 16 -14.64 -36.65 -24.68
C VAL F 16 -15.40 -37.83 -25.27
N GLY F 17 -16.32 -38.40 -24.49
CA GLY F 17 -17.06 -39.58 -24.87
C GLY F 17 -16.74 -40.82 -24.06
N ASP F 18 -15.65 -40.80 -23.28
CA ASP F 18 -15.20 -41.96 -22.53
C ASP F 18 -16.10 -42.24 -21.32
N ARG F 19 -15.88 -43.41 -20.72
CA ARG F 19 -16.50 -43.81 -19.46
C ARG F 19 -15.49 -43.53 -18.36
N VAL F 20 -15.83 -42.62 -17.45
CA VAL F 20 -14.92 -42.17 -16.40
C VAL F 20 -15.42 -42.69 -15.07
N THR F 21 -14.52 -43.28 -14.29
CA THR F 21 -14.83 -43.83 -12.97
C THR F 21 -13.84 -43.28 -11.96
N ILE F 22 -14.35 -42.59 -10.94
CA ILE F 22 -13.55 -42.09 -9.83
C ILE F 22 -14.00 -42.84 -8.59
N THR F 23 -13.04 -43.35 -7.81
CA THR F 23 -13.38 -44.12 -6.63
C THR F 23 -12.83 -43.42 -5.40
N CYS F 24 -13.55 -43.52 -4.29
CA CYS F 24 -12.97 -43.09 -3.02
C CYS F 24 -13.50 -43.97 -1.91
N ARG F 25 -12.63 -44.27 -0.95
CA ARG F 25 -12.89 -45.27 0.07
C ARG F 25 -12.76 -44.65 1.45
N ALA F 26 -13.77 -44.87 2.29
CA ALA F 26 -13.74 -44.40 3.67
C ALA F 26 -12.91 -45.33 4.53
N SER F 27 -12.13 -44.73 5.44
CA SER F 27 -11.23 -45.50 6.30
C SER F 27 -11.98 -46.35 7.32
N GLN F 28 -13.28 -46.14 7.49
CA GLN F 28 -14.09 -46.92 8.41
C GLN F 28 -15.52 -46.97 7.90
N SER F 29 -16.19 -48.09 8.17
CA SER F 29 -17.59 -48.26 7.79
C SER F 29 -18.44 -47.52 8.82
N VAL F 30 -18.70 -46.23 8.57
CA VAL F 30 -19.42 -45.44 9.57
C VAL F 30 -20.61 -44.68 8.99
N SER F 31 -20.59 -44.37 7.69
CA SER F 31 -21.64 -43.50 7.16
C SER F 31 -21.88 -43.77 5.68
N SER F 32 -23.15 -43.83 5.31
CA SER F 32 -23.57 -43.88 3.90
C SER F 32 -23.86 -42.51 3.32
N ALA F 33 -23.66 -41.44 4.08
CA ALA F 33 -23.96 -40.08 3.63
C ALA F 33 -22.76 -39.49 2.89
N VAL F 34 -22.58 -39.94 1.65
CA VAL F 34 -21.46 -39.50 0.81
C VAL F 34 -22.02 -38.74 -0.38
N ALA F 35 -21.37 -37.64 -0.72
CA ALA F 35 -21.74 -36.75 -1.81
C ALA F 35 -20.55 -36.51 -2.71
N TRP F 36 -20.85 -36.19 -3.97
CA TRP F 36 -19.87 -35.88 -5.00
C TRP F 36 -20.14 -34.49 -5.55
N TYR F 37 -19.06 -33.69 -5.66
CA TYR F 37 -19.08 -32.30 -6.11
C TYR F 37 -18.13 -32.13 -7.29
N GLN F 38 -18.51 -31.26 -8.22
CA GLN F 38 -17.68 -30.86 -9.34
C GLN F 38 -17.27 -29.40 -9.19
N GLN F 39 -15.98 -29.12 -9.34
CA GLN F 39 -15.43 -27.77 -9.21
C GLN F 39 -14.51 -27.48 -10.38
N LYS F 40 -14.83 -26.40 -11.12
CA LYS F 40 -14.09 -25.77 -12.19
C LYS F 40 -13.24 -24.62 -11.63
N PRO F 41 -12.04 -24.41 -12.17
CA PRO F 41 -11.09 -23.52 -11.49
C PRO F 41 -11.63 -22.11 -11.33
N GLY F 42 -11.36 -21.53 -10.15
CA GLY F 42 -11.78 -20.19 -9.84
C GLY F 42 -13.24 -20.03 -9.41
N LYS F 43 -14.04 -21.08 -9.48
CA LYS F 43 -15.45 -20.99 -9.13
C LYS F 43 -15.75 -21.87 -7.91
N ALA F 44 -17.01 -21.87 -7.49
CA ALA F 44 -17.51 -22.66 -6.37
C ALA F 44 -18.05 -24.00 -6.85
N PRO F 45 -17.74 -25.06 -6.12
CA PRO F 45 -18.23 -26.39 -6.50
C PRO F 45 -19.74 -26.51 -6.41
N LYS F 46 -20.30 -27.34 -7.30
CA LYS F 46 -21.70 -27.73 -7.29
C LYS F 46 -21.82 -29.13 -6.74
N LEU F 47 -22.95 -29.42 -6.12
CA LEU F 47 -23.24 -30.78 -5.69
C LEU F 47 -23.72 -31.60 -6.88
N LEU F 48 -23.12 -32.75 -7.09
CA LEU F 48 -23.57 -33.66 -8.15
C LEU F 48 -24.42 -34.80 -7.62
N ILE F 49 -23.90 -35.55 -6.64
CA ILE F 49 -24.60 -36.74 -6.15
C ILE F 49 -24.63 -36.72 -4.63
N TYR F 50 -25.84 -36.79 -4.05
CA TYR F 50 -25.96 -36.93 -2.61
C TYR F 50 -26.38 -38.37 -2.30
N SER F 51 -26.30 -38.73 -1.02
CA SER F 51 -26.78 -40.03 -0.53
C SER F 51 -26.05 -41.20 -1.18
N ALA F 52 -24.91 -40.91 -1.82
CA ALA F 52 -24.03 -41.84 -2.51
C ALA F 52 -24.59 -42.37 -3.83
N SER F 53 -25.88 -42.19 -4.10
CA SER F 53 -26.40 -42.63 -5.38
C SER F 53 -27.50 -41.76 -5.96
N SER F 54 -27.88 -40.66 -5.31
CA SER F 54 -29.03 -39.88 -5.74
C SER F 54 -28.58 -38.73 -6.64
N LEU F 55 -29.21 -38.61 -7.81
CA LEU F 55 -28.87 -37.55 -8.74
C LEU F 55 -29.50 -36.25 -8.28
N TYR F 56 -28.69 -35.20 -8.17
CA TYR F 56 -29.18 -33.92 -7.68
C TYR F 56 -29.90 -33.17 -8.80
N SER F 57 -30.67 -32.17 -8.39
CA SER F 57 -31.49 -31.40 -9.31
C SER F 57 -30.64 -30.75 -10.40
N GLY F 58 -31.13 -30.83 -11.64
CA GLY F 58 -30.48 -30.15 -12.74
C GLY F 58 -29.11 -30.68 -13.10
N VAL F 59 -28.76 -31.88 -12.64
CA VAL F 59 -27.49 -32.52 -12.98
C VAL F 59 -27.74 -33.45 -14.17
N PRO F 60 -26.82 -33.53 -15.14
CA PRO F 60 -27.03 -34.43 -16.27
C PRO F 60 -27.10 -35.89 -15.84
N SER F 61 -27.73 -36.70 -16.68
CA SER F 61 -27.97 -38.10 -16.34
C SER F 61 -26.73 -38.97 -16.48
N ARG F 62 -25.64 -38.47 -17.05
CA ARG F 62 -24.44 -39.27 -17.21
C ARG F 62 -23.72 -39.49 -15.90
N PHE F 63 -24.02 -38.71 -14.86
CA PHE F 63 -23.35 -38.84 -13.58
C PHE F 63 -24.03 -39.92 -12.75
N SER F 64 -23.22 -40.73 -12.07
CA SER F 64 -23.74 -41.88 -11.36
C SER F 64 -23.05 -42.04 -10.01
N GLY F 65 -23.80 -42.54 -9.04
CA GLY F 65 -23.26 -42.90 -7.75
C GLY F 65 -23.50 -44.36 -7.45
N SER F 66 -22.68 -44.95 -6.59
CA SER F 66 -22.78 -46.37 -6.28
C SER F 66 -22.03 -46.64 -4.99
N ARG F 67 -22.55 -47.58 -4.20
CA ARG F 67 -21.98 -47.91 -2.91
C ARG F 67 -21.65 -49.39 -2.90
N SER F 68 -20.45 -49.73 -2.42
CA SER F 68 -20.03 -51.12 -2.23
C SER F 68 -19.20 -51.16 -0.95
N GLY F 69 -19.87 -51.37 0.18
CA GLY F 69 -19.16 -51.43 1.44
C GLY F 69 -18.64 -50.07 1.83
N THR F 70 -17.33 -49.94 1.94
CA THR F 70 -16.68 -48.65 2.19
C THR F 70 -16.14 -48.02 0.91
N ASP F 71 -16.62 -48.45 -0.25
CA ASP F 71 -16.17 -47.93 -1.55
C ASP F 71 -17.31 -47.18 -2.21
N PHE F 72 -17.07 -45.92 -2.58
CA PHE F 72 -18.04 -45.11 -3.27
C PHE F 72 -17.46 -44.72 -4.62
N THR F 73 -18.30 -44.71 -5.66
CA THR F 73 -17.83 -44.55 -7.02
C THR F 73 -18.70 -43.54 -7.75
N LEU F 74 -18.06 -42.52 -8.31
CA LEU F 74 -18.70 -41.58 -9.21
C LEU F 74 -18.37 -41.99 -10.65
N THR F 75 -19.39 -42.02 -11.50
CA THR F 75 -19.23 -42.50 -12.86
C THR F 75 -19.88 -41.52 -13.82
N ILE F 76 -19.12 -41.08 -14.81
CA ILE F 76 -19.65 -40.32 -15.92
C ILE F 76 -19.68 -41.25 -17.12
N SER F 77 -20.87 -41.46 -17.68
CA SER F 77 -21.03 -42.47 -18.72
C SER F 77 -20.32 -42.03 -19.99
N SER F 78 -20.67 -40.86 -20.50
CA SER F 78 -20.08 -40.31 -21.72
C SER F 78 -19.58 -38.92 -21.37
N LEU F 79 -18.25 -38.77 -21.32
CA LEU F 79 -17.65 -37.50 -20.95
C LEU F 79 -17.90 -36.45 -22.03
N GLN F 80 -18.45 -35.31 -21.63
CA GLN F 80 -18.64 -34.17 -22.50
C GLN F 80 -17.48 -33.19 -22.34
N PRO F 81 -17.33 -32.24 -23.27
CA PRO F 81 -16.23 -31.26 -23.13
C PRO F 81 -16.28 -30.47 -21.84
N GLU F 82 -17.48 -30.11 -21.36
CA GLU F 82 -17.64 -29.25 -20.19
C GLU F 82 -17.47 -29.99 -18.87
N ASP F 83 -17.07 -31.26 -18.88
CA ASP F 83 -16.94 -32.05 -17.65
C ASP F 83 -15.50 -32.25 -17.22
N PHE F 84 -14.55 -31.57 -17.86
CA PHE F 84 -13.16 -31.62 -17.41
C PHE F 84 -13.01 -30.62 -16.27
N ALA F 85 -12.76 -31.14 -15.06
CA ALA F 85 -12.72 -30.32 -13.86
C ALA F 85 -12.10 -31.16 -12.75
N THR F 86 -12.19 -30.66 -11.52
CA THR F 86 -11.80 -31.42 -10.34
C THR F 86 -13.04 -31.93 -9.64
N TYR F 87 -12.98 -33.17 -9.14
CA TYR F 87 -14.11 -33.80 -8.49
C TYR F 87 -13.75 -34.18 -7.05
N TYR F 88 -14.66 -33.92 -6.13
CA TYR F 88 -14.42 -34.17 -4.70
C TYR F 88 -15.53 -35.04 -4.13
N CYS F 89 -15.15 -36.06 -3.36
CA CYS F 89 -16.11 -36.82 -2.58
C CYS F 89 -16.05 -36.36 -1.13
N GLN F 90 -17.20 -36.44 -0.45
CA GLN F 90 -17.34 -35.90 0.89
C GLN F 90 -18.31 -36.76 1.69
N GLN F 91 -18.04 -36.96 2.97
CA GLN F 91 -18.89 -37.75 3.83
C GLN F 91 -19.23 -36.98 5.11
N HIS F 92 -20.40 -37.34 5.68
CA HIS F 92 -20.99 -36.74 6.87
C HIS F 92 -20.92 -37.77 8.00
N PHE F 93 -19.82 -37.77 8.76
CA PHE F 93 -19.78 -38.58 9.99
C PHE F 93 -20.19 -37.69 11.16
N TRP F 94 -21.50 -37.49 11.29
CA TRP F 94 -22.07 -36.55 12.24
C TRP F 94 -21.48 -35.17 12.02
N GLU F 95 -20.64 -34.70 12.95
CA GLU F 95 -20.03 -33.38 12.78
C GLU F 95 -18.89 -33.41 11.77
N LEU F 96 -18.17 -34.53 11.67
CA LEU F 96 -16.97 -34.60 10.82
C LEU F 96 -17.37 -34.66 9.35
N ILE F 97 -17.28 -33.53 8.68
CA ILE F 97 -17.40 -33.46 7.23
C ILE F 97 -16.01 -33.67 6.64
N THR F 98 -15.84 -34.76 5.90
CA THR F 98 -14.52 -35.14 5.40
C THR F 98 -14.55 -35.20 3.88
N PHE F 99 -13.55 -34.59 3.26
CA PHE F 99 -13.41 -34.55 1.80
C PHE F 99 -12.28 -35.46 1.35
N GLY F 100 -12.43 -36.02 0.15
CA GLY F 100 -11.29 -36.62 -0.52
C GLY F 100 -10.37 -35.56 -1.07
N GLN F 101 -9.11 -35.96 -1.34
CA GLN F 101 -8.14 -34.98 -1.79
C GLN F 101 -8.46 -34.42 -3.17
N GLY F 102 -9.28 -35.11 -3.94
CA GLY F 102 -9.70 -34.61 -5.24
C GLY F 102 -9.13 -35.42 -6.38
N THR F 103 -9.84 -35.36 -7.51
CA THR F 103 -9.41 -35.99 -8.75
C THR F 103 -9.62 -34.99 -9.88
N LYS F 104 -8.56 -34.65 -10.59
CA LYS F 104 -8.63 -33.73 -11.72
C LYS F 104 -8.75 -34.52 -13.01
N VAL F 105 -9.77 -34.19 -13.81
CA VAL F 105 -10.04 -34.87 -15.08
C VAL F 105 -9.53 -33.98 -16.22
N GLU F 106 -8.55 -34.49 -16.97
CA GLU F 106 -7.88 -33.73 -18.01
C GLU F 106 -8.05 -34.43 -19.36
N ILE F 107 -7.64 -33.73 -20.42
CA ILE F 107 -7.81 -34.21 -21.79
C ILE F 107 -6.64 -35.10 -22.19
N LYS F 108 -6.95 -36.28 -22.73
CA LYS F 108 -5.94 -37.19 -23.26
C LYS F 108 -5.43 -36.71 -24.61
N ARG F 109 -4.11 -36.82 -24.80
CA ARG F 109 -3.47 -36.37 -26.04
C ARG F 109 -2.13 -37.08 -26.15
N THR F 110 -1.46 -36.86 -27.29
CA THR F 110 -0.22 -37.56 -27.58
C THR F 110 0.90 -37.17 -26.62
N VAL F 111 1.71 -38.16 -26.25
CA VAL F 111 2.91 -37.91 -25.46
C VAL F 111 3.79 -36.90 -26.20
N ALA F 112 4.44 -36.02 -25.44
CA ALA F 112 5.23 -34.95 -26.03
C ALA F 112 6.30 -34.52 -25.04
N ALA F 113 7.57 -34.72 -25.40
CA ALA F 113 8.65 -34.29 -24.55
C ALA F 113 8.71 -32.76 -24.49
N PRO F 114 9.16 -32.20 -23.38
CA PRO F 114 9.25 -30.75 -23.26
C PRO F 114 10.43 -30.19 -24.03
N SER F 115 10.32 -28.90 -24.36
CA SER F 115 11.49 -28.14 -24.78
C SER F 115 12.09 -27.50 -23.53
N VAL F 116 13.40 -27.65 -23.36
CA VAL F 116 14.06 -27.30 -22.11
C VAL F 116 15.01 -26.13 -22.37
N PHE F 117 14.83 -25.06 -21.59
CA PHE F 117 15.65 -23.86 -21.73
C PHE F 117 16.17 -23.43 -20.36
N ILE F 118 17.49 -23.26 -20.26
CA ILE F 118 18.11 -22.73 -19.05
C ILE F 118 18.17 -21.21 -19.15
N PHE F 119 18.30 -20.55 -17.98
CA PHE F 119 18.36 -19.09 -17.91
C PHE F 119 19.27 -18.63 -16.78
N PRO F 120 20.33 -17.89 -17.10
CA PRO F 120 21.21 -17.33 -16.06
C PRO F 120 20.64 -16.08 -15.45
N PRO F 121 21.03 -15.74 -14.22
CA PRO F 121 20.61 -14.46 -13.63
C PRO F 121 21.27 -13.26 -14.29
N SER F 122 20.47 -12.20 -14.46
CA SER F 122 20.90 -10.92 -15.01
C SER F 122 21.69 -10.09 -14.00
N ASP F 123 22.53 -9.18 -14.52
CA ASP F 123 23.24 -8.24 -13.65
C ASP F 123 22.29 -7.34 -12.89
N SER F 124 21.09 -7.11 -13.42
CA SER F 124 20.11 -6.33 -12.65
C SER F 124 19.81 -7.03 -11.34
N GLN F 125 19.78 -8.36 -11.35
CA GLN F 125 19.55 -9.10 -10.10
C GLN F 125 20.83 -9.22 -9.28
N LEU F 126 21.99 -9.27 -9.95
CA LEU F 126 23.28 -9.41 -9.27
C LEU F 126 23.72 -8.12 -8.60
N LYS F 127 23.14 -6.98 -8.96
CA LYS F 127 23.38 -5.74 -8.21
C LYS F 127 22.42 -5.58 -7.05
N SER F 128 21.39 -6.42 -6.96
CA SER F 128 20.52 -6.46 -5.80
C SER F 128 20.88 -7.59 -4.85
N GLY F 129 21.92 -8.37 -5.15
CA GLY F 129 22.37 -9.43 -4.28
C GLY F 129 21.77 -10.79 -4.54
N THR F 130 20.63 -10.86 -5.21
CA THR F 130 19.95 -12.12 -5.43
C THR F 130 20.38 -12.75 -6.76
N ALA F 131 20.23 -14.06 -6.86
CA ALA F 131 20.50 -14.78 -8.11
C ALA F 131 19.37 -15.76 -8.34
N SER F 132 18.82 -15.77 -9.56
CA SER F 132 17.72 -16.65 -9.89
C SER F 132 18.04 -17.37 -11.20
N VAL F 133 18.31 -18.67 -11.11
CA VAL F 133 18.54 -19.50 -12.29
C VAL F 133 17.23 -20.17 -12.65
N VAL F 134 16.79 -20.02 -13.88
CA VAL F 134 15.43 -20.43 -14.26
C VAL F 134 15.50 -21.54 -15.29
N CYS F 135 14.73 -22.60 -15.08
CA CYS F 135 14.67 -23.71 -16.01
C CYS F 135 13.24 -23.87 -16.50
N LEU F 136 13.05 -23.81 -17.81
CA LEU F 136 11.72 -23.81 -18.44
C LEU F 136 11.52 -25.09 -19.23
N LEU F 137 10.38 -25.75 -19.01
CA LEU F 137 9.97 -26.95 -19.74
C LEU F 137 8.65 -26.61 -20.44
N ASN F 138 8.72 -26.42 -21.75
CA ASN F 138 7.59 -25.90 -22.51
C ASN F 138 6.91 -27.00 -23.32
N ASN F 139 5.57 -26.94 -23.34
CA ASN F 139 4.71 -27.73 -24.23
C ASN F 139 5.04 -29.22 -24.19
N PHE F 140 4.78 -29.83 -23.03
CA PHE F 140 4.94 -31.26 -22.85
C PHE F 140 3.66 -31.89 -22.35
N TYR F 141 3.62 -33.22 -22.40
CA TYR F 141 2.49 -34.01 -21.94
C TYR F 141 2.99 -35.45 -21.79
N PRO F 142 2.61 -36.16 -20.73
CA PRO F 142 1.72 -35.76 -19.63
C PRO F 142 2.41 -34.90 -18.58
N ARG F 143 1.74 -34.68 -17.44
CA ARG F 143 2.25 -33.72 -16.46
C ARG F 143 3.45 -34.25 -15.69
N GLU F 144 3.52 -35.56 -15.47
CA GLU F 144 4.52 -36.10 -14.55
C GLU F 144 5.92 -35.78 -15.04
N ALA F 145 6.59 -34.86 -14.34
CA ALA F 145 7.90 -34.37 -14.75
C ALA F 145 8.77 -34.20 -13.51
N LYS F 146 10.07 -34.40 -13.70
CA LYS F 146 11.04 -34.29 -12.61
C LYS F 146 12.17 -33.36 -13.03
N VAL F 147 12.23 -32.19 -12.40
CA VAL F 147 13.32 -31.24 -12.62
C VAL F 147 14.36 -31.43 -11.52
N GLN F 148 15.63 -31.44 -11.92
CA GLN F 148 16.76 -31.70 -11.04
C GLN F 148 17.79 -30.61 -11.22
N TRP F 149 18.16 -29.94 -10.14
CA TRP F 149 19.15 -28.86 -10.19
C TRP F 149 20.51 -29.43 -9.80
N LYS F 150 21.50 -29.28 -10.69
CA LYS F 150 22.85 -29.80 -10.47
C LYS F 150 23.82 -28.62 -10.53
N VAL F 151 24.32 -28.18 -9.38
CA VAL F 151 25.34 -27.14 -9.31
C VAL F 151 26.68 -27.81 -9.03
N ASP F 152 27.54 -27.80 -10.05
CA ASP F 152 28.86 -28.45 -9.99
C ASP F 152 28.71 -29.93 -9.64
N ASN F 153 27.75 -30.57 -10.32
CA ASN F 153 27.46 -32.00 -10.12
C ASN F 153 27.14 -32.30 -8.66
N ALA F 154 26.23 -31.50 -8.09
CA ALA F 154 25.76 -31.65 -6.72
C ALA F 154 24.28 -31.30 -6.67
N LEU F 155 23.51 -32.06 -5.91
CA LEU F 155 22.08 -31.81 -5.78
C LEU F 155 21.82 -30.51 -5.01
N GLN F 156 20.66 -29.90 -5.25
CA GLN F 156 20.31 -28.58 -4.69
C GLN F 156 18.93 -28.57 -4.07
N SER F 157 18.63 -29.50 -3.17
CA SER F 157 17.32 -29.52 -2.52
CA SER F 157 17.32 -29.53 -2.53
C SER F 157 17.21 -28.38 -1.53
N GLY F 158 16.07 -27.67 -1.57
CA GLY F 158 15.72 -26.66 -0.59
C GLY F 158 15.48 -25.27 -1.16
N ASN F 159 16.14 -24.94 -2.27
CA ASN F 159 16.08 -23.60 -2.85
C ASN F 159 15.40 -23.56 -4.22
N SER F 160 14.67 -24.61 -4.59
CA SER F 160 14.00 -24.69 -5.89
C SER F 160 12.50 -24.64 -5.70
N GLN F 161 11.83 -23.83 -6.54
CA GLN F 161 10.38 -23.72 -6.56
C GLN F 161 9.85 -23.96 -7.96
N GLU F 162 8.77 -24.73 -8.07
CA GLU F 162 8.15 -25.04 -9.36
C GLU F 162 6.76 -24.44 -9.48
N SER F 163 6.42 -24.02 -10.69
CA SER F 163 5.05 -23.66 -11.05
C SER F 163 4.68 -24.37 -12.35
N VAL F 164 3.39 -24.64 -12.51
CA VAL F 164 2.86 -25.37 -13.67
C VAL F 164 1.61 -24.67 -14.17
N THR F 165 1.52 -24.51 -15.49
CA THR F 165 0.37 -23.85 -16.08
C THR F 165 -0.83 -24.79 -16.12
N GLU F 166 -2.02 -24.19 -16.26
CA GLU F 166 -3.20 -24.97 -16.57
C GLU F 166 -3.08 -25.55 -17.96
N GLN F 167 -3.82 -26.64 -18.20
CA GLN F 167 -3.75 -27.32 -19.50
C GLN F 167 -4.10 -26.35 -20.62
N ASP F 168 -3.27 -26.38 -21.67
CA ASP F 168 -3.40 -25.42 -22.77
C ASP F 168 -4.72 -25.59 -23.51
N SER F 169 -5.41 -24.47 -23.73
CA SER F 169 -6.71 -24.51 -24.39
C SER F 169 -6.61 -24.87 -25.86
N LYS F 170 -5.41 -24.82 -26.44
CA LYS F 170 -5.22 -25.09 -27.86
C LYS F 170 -4.56 -26.44 -28.13
N ASP F 171 -3.43 -26.74 -27.49
CA ASP F 171 -2.71 -27.98 -27.75
C ASP F 171 -2.82 -29.00 -26.61
N SER F 172 -3.35 -28.62 -25.45
CA SER F 172 -3.58 -29.53 -24.32
C SER F 172 -2.26 -30.07 -23.76
N THR F 173 -1.29 -29.19 -23.58
CA THR F 173 -0.01 -29.54 -23.00
C THR F 173 0.23 -28.72 -21.73
N TYR F 174 1.32 -29.05 -21.05
CA TYR F 174 1.71 -28.39 -19.82
C TYR F 174 3.07 -27.73 -19.99
N SER F 175 3.22 -26.54 -19.40
CA SER F 175 4.51 -25.89 -19.27
C SER F 175 4.82 -25.68 -17.80
N LEU F 176 6.08 -25.87 -17.44
CA LEU F 176 6.53 -25.79 -16.06
C LEU F 176 7.74 -24.88 -15.98
N SER F 177 7.76 -24.02 -14.97
CA SER F 177 8.94 -23.22 -14.67
C SER F 177 9.51 -23.65 -13.33
N SER F 178 10.83 -23.55 -13.21
CA SER F 178 11.53 -23.93 -11.98
C SER F 178 12.57 -22.87 -11.68
N THR F 179 12.35 -22.12 -10.59
CA THR F 179 13.28 -21.09 -10.15
C THR F 179 14.20 -21.66 -9.08
N LEU F 180 15.50 -21.43 -9.25
CA LEU F 180 16.50 -21.77 -8.25
C LEU F 180 17.03 -20.43 -7.74
N THR F 181 16.61 -20.06 -6.53
CA THR F 181 17.03 -18.80 -5.93
C THR F 181 18.24 -19.06 -5.04
N LEU F 182 19.30 -18.29 -5.28
CA LEU F 182 20.54 -18.38 -4.54
C LEU F 182 20.99 -16.97 -4.18
N SER F 183 22.08 -16.88 -3.45
CA SER F 183 22.68 -15.61 -3.09
C SER F 183 23.87 -15.34 -4.00
N LYS F 184 24.25 -14.06 -4.08
CA LYS F 184 25.36 -13.69 -4.93
C LYS F 184 26.62 -14.45 -4.54
N ALA F 185 26.80 -14.68 -3.24
CA ALA F 185 27.96 -15.45 -2.77
C ALA F 185 27.86 -16.90 -3.24
N ASP F 186 26.70 -17.53 -3.06
CA ASP F 186 26.52 -18.92 -3.49
C ASP F 186 26.62 -19.05 -5.01
N TYR F 187 26.08 -18.08 -5.75
CA TYR F 187 26.19 -18.15 -7.19
C TYR F 187 27.64 -17.98 -7.65
N GLU F 188 28.39 -17.12 -6.97
CA GLU F 188 29.80 -16.97 -7.31
C GLU F 188 30.64 -18.14 -6.80
N LYS F 189 30.27 -18.73 -5.66
CA LYS F 189 31.06 -19.82 -5.10
C LYS F 189 30.76 -21.19 -5.71
N HIS F 190 30.72 -21.26 -7.05
CA HIS F 190 30.49 -22.44 -7.89
C HIS F 190 30.58 -22.00 -9.35
N LYS F 191 30.82 -22.97 -10.23
CA LYS F 191 31.15 -22.69 -11.62
C LYS F 191 30.08 -23.16 -12.60
N VAL F 192 29.73 -24.43 -12.60
CA VAL F 192 28.85 -25.02 -13.62
C VAL F 192 27.47 -25.25 -13.01
N TYR F 193 26.44 -24.70 -13.64
CA TYR F 193 25.06 -24.85 -13.18
C TYR F 193 24.25 -25.51 -14.28
N ALA F 194 23.56 -26.61 -13.95
CA ALA F 194 22.83 -27.39 -14.95
C ALA F 194 21.46 -27.77 -14.42
N CYS F 195 20.57 -28.06 -15.36
CA CYS F 195 19.20 -28.49 -15.09
C CYS F 195 18.92 -29.77 -15.87
N GLU F 196 18.59 -30.84 -15.14
CA GLU F 196 18.34 -32.16 -15.69
C GLU F 196 16.83 -32.44 -15.64
N VAL F 197 16.27 -32.80 -16.78
CA VAL F 197 14.83 -32.98 -16.94
C VAL F 197 14.55 -34.45 -17.21
N THR F 198 13.63 -35.03 -16.44
CA THR F 198 13.15 -36.39 -16.63
C THR F 198 11.66 -36.34 -16.92
N HIS F 199 11.24 -37.06 -17.96
CA HIS F 199 9.87 -37.07 -18.44
C HIS F 199 9.59 -38.40 -19.13
N GLN F 200 8.30 -38.69 -19.33
CA GLN F 200 7.90 -39.93 -20.01
C GLN F 200 8.46 -39.99 -21.42
N GLY F 201 8.27 -38.91 -22.20
CA GLY F 201 8.63 -38.86 -23.59
C GLY F 201 10.10 -38.65 -23.89
N LEU F 202 10.94 -38.56 -22.86
CA LEU F 202 12.38 -38.49 -23.02
C LEU F 202 12.95 -39.89 -22.82
N SER F 203 13.52 -40.47 -23.88
CA SER F 203 14.12 -41.79 -23.79
C SER F 203 15.17 -41.84 -22.67
N SER F 204 15.95 -40.78 -22.54
CA SER F 204 16.91 -40.61 -21.46
C SER F 204 16.71 -39.23 -20.86
N PRO F 205 17.11 -39.03 -19.61
CA PRO F 205 16.99 -37.69 -19.01
C PRO F 205 17.89 -36.72 -19.75
N VAL F 206 17.35 -35.56 -20.10
CA VAL F 206 18.10 -34.56 -20.82
C VAL F 206 18.68 -33.56 -19.82
N THR F 207 19.70 -32.83 -20.24
CA THR F 207 20.26 -31.82 -19.34
C THR F 207 20.77 -30.62 -20.11
N LYS F 208 20.29 -29.43 -19.74
CA LYS F 208 20.79 -28.17 -20.25
C LYS F 208 21.66 -27.48 -19.20
N SER F 209 22.82 -27.00 -19.60
CA SER F 209 23.80 -26.49 -18.66
C SER F 209 24.35 -25.16 -19.14
N PHE F 210 24.77 -24.33 -18.19
CA PHE F 210 25.51 -23.13 -18.48
C PHE F 210 26.62 -23.00 -17.44
N ASN F 211 27.58 -22.14 -17.73
CA ASN F 211 28.71 -21.89 -16.84
C ASN F 211 28.73 -20.45 -16.37
N ARG F 212 28.87 -20.28 -15.05
CA ARG F 212 29.10 -18.95 -14.50
C ARG F 212 30.43 -18.45 -15.02
N GLY F 213 30.49 -17.16 -15.36
CA GLY F 213 31.65 -16.54 -15.96
C GLY F 213 31.46 -16.24 -17.43
N GLU F 214 30.59 -17.01 -18.11
CA GLU F 214 30.14 -16.59 -19.43
C GLU F 214 28.97 -15.63 -19.31
N CYS F 215 28.35 -15.57 -18.12
CA CYS F 215 27.34 -14.58 -17.77
C CYS F 215 27.15 -14.54 -16.25
#